data_2YPD
#
_entry.id   2YPD
#
_cell.length_a   45.718
_cell.length_b   112.206
_cell.length_c   165.173
_cell.angle_alpha   90.00
_cell.angle_beta   90.00
_cell.angle_gamma   90.00
#
_symmetry.space_group_name_H-M   'P 2 21 21'
#
loop_
_entity.id
_entity.type
_entity.pdbx_description
1 polymer 'PROBABLE JMJC DOMAIN-CONTAINING HISTONE DEMETHYLATION PROT EIN 2C'
2 non-polymer '2-(ETHYLMERCURI-THIO)-BENZOIC ACID'
3 non-polymer 'SODIUM ION'
4 water water
#
_entity_poly.entity_id   1
_entity_poly.type   'polypeptide(L)'
_entity_poly.pdbx_seq_one_letter_code
;MIPHSWICEKHILWLKDYKNSSNWKLFKECWKQGQPAVVSGVHKKMNISLWKAESISLDFGDHQADLLNCKDSIISNANV
KEFWDGFEEVSKRQKNKSGETVVLKLKDWPSGEDFKTMMPARYEDLLKSLPLPEYCNPEGKFNLASHLPGFFVRPDLGPR
LCSAYGVVAAKDHDIGTTNLHIEVSDVVNILVYVGIAKGNGILSKAGILKKFEEEDLDDILRKRLKDSSEIPGALWHIYA
GKDVDKIREFLQKISKEQGLEVLPEHDPIRDQSWYVNKKLRQRLLEEYGVRTCTLIQFLGDAIVLPAGALHQVQNFHSCI
QVTEDFVSPEHLVESFHLTQELRLLKEEINYDDKLQVKNILYHAVKEMVRALKIHEDEVEDMEENAENLYFQ
;
_entity_poly.pdbx_strand_id   A,B
#
# COMPACT_ATOMS: atom_id res chain seq x y z
N MET A 1 20.20 20.60 -24.59
CA MET A 1 19.78 19.52 -25.51
C MET A 1 19.40 18.26 -24.74
N ILE A 2 18.61 17.42 -25.40
CA ILE A 2 18.16 16.19 -24.81
C ILE A 2 18.78 15.04 -25.61
N PRO A 3 19.77 14.33 -25.04
CA PRO A 3 20.44 13.30 -25.84
C PRO A 3 19.49 12.17 -26.20
N HIS A 4 19.53 11.77 -27.46
CA HIS A 4 18.62 10.77 -28.00
C HIS A 4 19.02 10.30 -29.39
N SER A 5 18.57 9.11 -29.76
CA SER A 5 18.50 8.66 -31.16
C SER A 5 17.12 8.05 -31.40
N TRP A 6 16.79 7.82 -32.66
CA TRP A 6 15.65 7.00 -33.01
C TRP A 6 16.10 5.63 -33.53
N ILE A 7 15.54 4.56 -32.99
CA ILE A 7 15.93 3.19 -33.33
C ILE A 7 14.85 2.51 -34.16
N CYS A 8 15.27 1.60 -35.04
CA CYS A 8 14.38 0.75 -35.85
C CYS A 8 13.50 1.55 -36.83
N GLU A 9 14.09 1.83 -37.99
CA GLU A 9 13.48 2.67 -39.02
C GLU A 9 12.96 3.95 -38.41
N LYS A 10 13.75 4.49 -37.48
CA LYS A 10 13.47 5.73 -36.79
C LYS A 10 12.14 5.78 -36.07
N HIS A 11 11.71 4.63 -35.54
CA HIS A 11 10.40 4.52 -34.92
C HIS A 11 10.37 4.58 -33.39
N ILE A 12 11.46 4.19 -32.73
CA ILE A 12 11.51 4.15 -31.26
C ILE A 12 12.44 5.23 -30.75
N LEU A 13 11.98 6.03 -29.80
CA LEU A 13 12.78 7.12 -29.27
C LEU A 13 13.68 6.55 -28.17
N TRP A 14 14.99 6.61 -28.40
CA TRP A 14 15.92 6.21 -27.37
C TRP A 14 16.40 7.47 -26.68
N LEU A 15 16.01 7.63 -25.41
CA LEU A 15 16.44 8.74 -24.57
C LEU A 15 17.63 8.24 -23.76
N LYS A 16 18.79 8.85 -24.00
CA LYS A 16 20.06 8.27 -23.59
C LYS A 16 20.53 8.71 -22.22
N ASP A 17 19.88 9.72 -21.65
CA ASP A 17 20.29 10.23 -20.33
C ASP A 17 19.14 10.19 -19.34
N TYR A 18 19.21 9.24 -18.41
CA TYR A 18 18.19 9.12 -17.36
C TYR A 18 18.20 10.31 -16.40
N LYS A 19 19.30 11.04 -16.29
CA LYS A 19 19.36 12.23 -15.46
C LYS A 19 18.85 13.49 -16.13
N ASN A 20 18.56 13.46 -17.44
CA ASN A 20 18.05 14.68 -18.08
C ASN A 20 16.62 14.96 -17.64
N SER A 21 16.42 16.08 -16.96
N SER A 21 16.42 16.08 -16.96
CA SER A 21 15.12 16.49 -16.41
CA SER A 21 15.12 16.47 -16.41
C SER A 21 14.11 16.88 -17.47
C SER A 21 14.11 16.88 -17.47
N SER A 22 14.58 17.10 -18.70
CA SER A 22 13.71 17.50 -19.80
C SER A 22 13.32 16.38 -20.74
N ASN A 23 13.67 15.14 -20.41
CA ASN A 23 13.34 14.00 -21.27
C ASN A 23 11.89 14.02 -21.75
N TRP A 24 10.96 14.41 -20.85
CA TRP A 24 9.53 14.41 -21.18
C TRP A 24 9.14 15.33 -22.35
N LYS A 25 9.90 16.40 -22.55
CA LYS A 25 9.58 17.38 -23.59
C LYS A 25 9.77 16.79 -24.98
N LEU A 26 10.81 15.99 -25.14
CA LEU A 26 11.04 15.28 -26.38
C LEU A 26 10.06 14.11 -26.51
N PHE A 27 9.86 13.39 -25.40
CA PHE A 27 8.94 12.26 -25.36
C PHE A 27 7.49 12.63 -25.76
N LYS A 28 6.99 13.74 -25.22
CA LYS A 28 5.68 14.29 -25.57
C LYS A 28 5.42 14.26 -27.08
N GLU A 29 6.44 14.64 -27.86
CA GLU A 29 6.28 14.77 -29.30
C GLU A 29 6.06 13.43 -30.01
N CYS A 30 6.83 12.41 -29.63
CA CYS A 30 6.74 11.08 -30.25
C CYS A 30 5.54 10.23 -29.75
N TRP A 31 5.26 10.36 -28.45
CA TRP A 31 4.13 9.70 -27.80
C TRP A 31 2.79 10.04 -28.42
N LYS A 32 2.69 11.30 -28.86
CA LYS A 32 1.48 11.81 -29.51
C LYS A 32 1.07 10.90 -30.69
N GLN A 33 2.07 10.30 -31.34
CA GLN A 33 1.82 9.43 -32.47
C GLN A 33 1.92 7.94 -32.13
N GLY A 34 1.83 7.61 -30.84
CA GLY A 34 1.86 6.22 -30.41
C GLY A 34 3.20 5.52 -30.58
N GLN A 35 4.28 6.27 -30.58
CA GLN A 35 5.59 5.65 -30.71
C GLN A 35 6.17 5.22 -29.36
N PRO A 36 6.81 4.03 -29.33
CA PRO A 36 7.49 3.59 -28.12
C PRO A 36 8.69 4.44 -27.80
N ALA A 37 9.18 4.32 -26.57
CA ALA A 37 10.42 4.96 -26.14
C ALA A 37 11.14 4.03 -25.20
N VAL A 38 12.44 4.20 -25.14
CA VAL A 38 13.23 3.55 -24.16
C VAL A 38 14.18 4.56 -23.53
N VAL A 39 14.27 4.50 -22.20
CA VAL A 39 15.21 5.29 -21.41
C VAL A 39 16.19 4.32 -20.80
N SER A 40 17.47 4.48 -21.11
CA SER A 40 18.51 3.61 -20.59
C SER A 40 19.11 4.21 -19.31
N GLY A 41 19.74 3.36 -18.49
CA GLY A 41 20.44 3.82 -17.28
C GLY A 41 19.62 3.89 -16.00
N VAL A 42 18.35 3.47 -16.04
CA VAL A 42 17.47 3.55 -14.84
C VAL A 42 17.99 2.72 -13.65
N HIS A 43 18.75 1.66 -13.94
CA HIS A 43 19.40 0.88 -12.90
C HIS A 43 20.48 1.61 -12.09
N LYS A 44 21.00 2.71 -12.61
CA LYS A 44 21.92 3.56 -11.87
C LYS A 44 21.18 4.46 -10.89
N LYS A 45 19.91 4.69 -11.14
CA LYS A 45 19.07 5.49 -10.25
C LYS A 45 18.55 4.61 -9.11
N MET A 46 18.30 3.35 -9.43
CA MET A 46 17.76 2.38 -8.47
C MET A 46 18.81 1.89 -7.50
N ASN A 47 18.36 1.38 -6.37
CA ASN A 47 19.21 0.66 -5.44
C ASN A 47 19.25 -0.74 -6.00
N ILE A 48 20.14 -0.98 -6.97
CA ILE A 48 20.00 -2.16 -7.83
C ILE A 48 20.18 -3.48 -7.04
N SER A 49 20.92 -3.44 -5.92
CA SER A 49 21.08 -4.61 -5.05
C SER A 49 19.75 -5.15 -4.47
N LEU A 50 18.84 -4.22 -4.24
CA LEU A 50 17.47 -4.54 -3.84
C LEU A 50 16.71 -5.40 -4.88
N TRP A 51 17.10 -5.32 -6.15
CA TRP A 51 16.40 -6.03 -7.25
C TRP A 51 17.10 -7.30 -7.72
N LYS A 52 18.17 -7.70 -7.06
CA LYS A 52 18.85 -8.95 -7.41
C LYS A 52 17.98 -10.19 -7.12
N ALA A 53 18.16 -11.22 -7.93
CA ALA A 53 17.46 -12.47 -7.76
C ALA A 53 17.64 -13.04 -6.35
N GLU A 54 18.86 -13.00 -5.83
CA GLU A 54 19.18 -13.61 -4.53
C GLU A 54 18.33 -12.92 -3.46
N SER A 55 18.14 -11.62 -3.62
CA SER A 55 17.40 -10.83 -2.66
C SER A 55 15.90 -11.05 -2.80
N ILE A 56 15.40 -11.01 -4.04
CA ILE A 56 13.96 -11.17 -4.28
C ILE A 56 13.51 -12.55 -3.91
N SER A 57 14.33 -13.52 -4.29
CA SER A 57 14.14 -14.92 -3.92
C SER A 57 13.95 -15.12 -2.41
N LEU A 58 14.81 -14.51 -1.60
CA LEU A 58 14.78 -14.67 -0.14
C LEU A 58 13.55 -14.04 0.46
N ASP A 59 13.26 -12.81 0.05
CA ASP A 59 12.20 -12.03 0.65
C ASP A 59 10.85 -12.67 0.46
N PHE A 60 10.52 -12.98 -0.79
CA PHE A 60 9.16 -13.39 -1.11
C PHE A 60 9.08 -14.86 -1.53
N GLY A 61 10.17 -15.62 -1.32
CA GLY A 61 10.20 -17.05 -1.66
C GLY A 61 9.35 -17.98 -0.80
N ASP A 62 8.76 -17.44 0.27
CA ASP A 62 7.84 -18.20 1.13
C ASP A 62 6.45 -18.38 0.48
N HIS A 63 6.01 -17.39 -0.31
CA HIS A 63 4.69 -17.49 -0.97
C HIS A 63 4.68 -18.54 -2.09
N GLN A 64 3.71 -19.45 -2.05
CA GLN A 64 3.49 -20.40 -3.14
C GLN A 64 2.80 -19.68 -4.31
N ALA A 65 3.10 -20.11 -5.52
CA ALA A 65 2.51 -19.50 -6.73
C ALA A 65 2.69 -20.46 -7.88
N ASP A 66 1.88 -20.29 -8.91
CA ASP A 66 2.01 -21.15 -10.09
C ASP A 66 3.16 -20.68 -10.97
N LEU A 67 3.94 -21.63 -11.48
CA LEU A 67 4.97 -21.39 -12.45
C LEU A 67 4.50 -21.90 -13.81
N LEU A 68 4.71 -21.11 -14.86
CA LEU A 68 4.27 -21.48 -16.20
C LEU A 68 5.43 -21.98 -17.02
N ASN A 69 5.22 -23.05 -17.76
CA ASN A 69 6.11 -23.44 -18.84
C ASN A 69 5.77 -22.57 -20.06
N CYS A 70 6.72 -21.73 -20.47
CA CYS A 70 6.52 -20.76 -21.55
C CYS A 70 6.29 -21.34 -22.94
N LYS A 71 6.75 -22.57 -23.15
CA LYS A 71 6.62 -23.26 -24.43
C LYS A 71 5.13 -23.54 -24.68
N ASP A 72 4.45 -24.08 -23.66
CA ASP A 72 3.07 -24.55 -23.85
C ASP A 72 2.02 -23.92 -22.94
N SER A 73 2.45 -23.00 -22.08
CA SER A 73 1.57 -22.35 -21.09
C SER A 73 0.86 -23.37 -20.19
N ILE A 74 1.45 -24.54 -20.03
CA ILE A 74 0.95 -25.49 -19.02
C ILE A 74 1.61 -25.14 -17.66
N ILE A 75 0.81 -25.09 -16.60
CA ILE A 75 1.31 -24.80 -15.27
C ILE A 75 2.16 -25.96 -14.79
N SER A 76 3.33 -25.60 -14.29
CA SER A 76 4.38 -26.54 -13.99
C SER A 76 4.20 -27.17 -12.62
N ASN A 77 4.87 -28.29 -12.48
CA ASN A 77 5.01 -28.98 -11.23
C ASN A 77 5.90 -28.21 -10.23
N ALA A 78 6.84 -27.41 -10.74
CA ALA A 78 7.78 -26.68 -9.89
C ALA A 78 7.09 -25.75 -8.91
N ASN A 79 7.65 -25.66 -7.71
CA ASN A 79 7.28 -24.60 -6.75
C ASN A 79 8.22 -23.42 -6.89
N VAL A 80 7.92 -22.35 -6.17
CA VAL A 80 8.69 -21.10 -6.21
C VAL A 80 10.16 -21.29 -5.82
N LYS A 81 10.42 -22.20 -4.90
CA LYS A 81 11.76 -22.46 -4.41
C LYS A 81 12.58 -23.13 -5.53
N GLU A 82 11.97 -24.09 -6.22
CA GLU A 82 12.61 -24.76 -7.35
C GLU A 82 12.83 -23.79 -8.50
N PHE A 83 11.88 -22.89 -8.71
CA PHE A 83 12.03 -21.87 -9.74
C PHE A 83 13.31 -21.04 -9.51
N TRP A 84 13.46 -20.48 -8.33
CA TRP A 84 14.64 -19.65 -8.02
C TRP A 84 15.95 -20.44 -7.98
N ASP A 85 15.91 -21.69 -7.54
CA ASP A 85 17.11 -22.54 -7.54
C ASP A 85 17.60 -22.74 -8.95
N GLY A 86 16.67 -22.78 -9.91
CA GLY A 86 17.01 -22.98 -11.31
C GLY A 86 17.27 -21.70 -12.12
N PHE A 87 17.11 -20.54 -11.49
CA PHE A 87 17.18 -19.27 -12.18
C PHE A 87 18.52 -19.07 -12.87
N GLU A 88 19.60 -19.40 -12.16
CA GLU A 88 20.95 -19.35 -12.71
C GLU A 88 21.68 -20.71 -12.74
N GLU A 89 21.09 -21.76 -12.16
CA GLU A 89 21.70 -23.09 -12.22
C GLU A 89 20.85 -24.00 -13.06
N VAL A 90 21.28 -24.23 -14.28
CA VAL A 90 20.49 -24.96 -15.26
C VAL A 90 20.23 -26.41 -14.84
N SER A 91 21.18 -27.00 -14.11
CA SER A 91 21.07 -28.39 -13.69
C SER A 91 20.00 -28.60 -12.64
N LYS A 92 19.60 -27.54 -11.93
CA LYS A 92 18.49 -27.66 -10.97
C LYS A 92 17.12 -27.48 -11.61
N ARG A 93 17.06 -27.36 -12.92
CA ARG A 93 15.79 -27.09 -13.58
C ARG A 93 14.89 -28.31 -13.78
N GLU A 100 16.70 -31.99 -22.31
CA GLU A 100 16.04 -30.68 -22.50
C GLU A 100 15.42 -30.15 -21.18
N THR A 101 15.82 -28.96 -20.75
CA THR A 101 15.19 -28.31 -19.58
C THR A 101 14.11 -27.33 -20.06
N VAL A 102 13.21 -26.95 -19.16
CA VAL A 102 12.12 -26.08 -19.54
C VAL A 102 12.36 -24.61 -19.19
N VAL A 103 11.58 -23.77 -19.86
CA VAL A 103 11.60 -22.32 -19.67
C VAL A 103 10.42 -21.94 -18.76
N LEU A 104 10.73 -21.56 -17.52
CA LEU A 104 9.73 -21.21 -16.52
C LEU A 104 9.58 -19.71 -16.35
N LYS A 105 8.36 -19.31 -16.02
CA LYS A 105 8.04 -17.95 -15.74
C LYS A 105 7.22 -17.87 -14.44
N LEU A 106 7.54 -16.88 -13.62
CA LEU A 106 6.84 -16.59 -12.38
C LEU A 106 6.26 -15.21 -12.60
N LYS A 107 4.98 -15.20 -12.96
CA LYS A 107 4.34 -14.05 -13.54
C LYS A 107 3.56 -13.29 -12.50
N ASP A 108 3.63 -11.96 -12.58
CA ASP A 108 2.86 -11.04 -11.73
C ASP A 108 2.80 -11.48 -10.27
N TRP A 109 3.95 -11.86 -9.72
CA TRP A 109 4.06 -12.19 -8.30
C TRP A 109 5.24 -11.40 -7.79
N PRO A 110 4.99 -10.50 -6.81
CA PRO A 110 3.66 -9.98 -6.45
C PRO A 110 3.20 -8.92 -7.44
N SER A 111 1.96 -8.46 -7.29
CA SER A 111 1.41 -7.46 -8.20
C SER A 111 0.39 -6.62 -7.50
N GLY A 112 0.17 -5.43 -8.03
CA GLY A 112 -0.77 -4.49 -7.43
C GLY A 112 -0.50 -4.12 -5.97
N GLU A 113 -1.54 -4.15 -5.16
CA GLU A 113 -1.44 -3.76 -3.76
C GLU A 113 -0.50 -4.69 -3.00
N ASP A 114 -0.49 -5.95 -3.39
CA ASP A 114 0.46 -6.89 -2.80
C ASP A 114 1.92 -6.50 -3.06
N PHE A 115 2.19 -5.94 -4.22
CA PHE A 115 3.56 -5.52 -4.55
C PHE A 115 3.93 -4.35 -3.64
N LYS A 116 3.00 -3.41 -3.53
CA LYS A 116 3.22 -2.23 -2.70
C LYS A 116 3.43 -2.60 -1.24
N THR A 117 2.65 -3.55 -0.73
CA THR A 117 2.67 -3.89 0.70
C THR A 117 3.68 -4.97 1.04
N MET A 118 3.85 -5.96 0.17
CA MET A 118 4.76 -7.06 0.46
C MET A 118 6.20 -6.66 0.13
N MET A 119 6.36 -5.72 -0.80
CA MET A 119 7.69 -5.27 -1.17
C MET A 119 7.78 -3.74 -1.10
N PRO A 120 7.54 -3.18 0.09
CA PRO A 120 7.44 -1.73 0.23
C PRO A 120 8.70 -0.93 -0.12
N ALA A 121 9.88 -1.42 0.20
CA ALA A 121 11.13 -0.71 -0.13
C ALA A 121 11.45 -0.69 -1.64
N ARG A 122 11.06 -1.75 -2.33
CA ARG A 122 11.18 -1.84 -3.75
C ARG A 122 10.17 -0.92 -4.43
N TYR A 123 8.95 -0.85 -3.89
CA TYR A 123 7.95 0.03 -4.41
C TYR A 123 8.38 1.50 -4.29
N GLU A 124 8.92 1.85 -3.13
CA GLU A 124 9.48 3.18 -2.89
C GLU A 124 10.65 3.46 -3.85
N ASP A 125 11.52 2.49 -4.03
CA ASP A 125 12.63 2.62 -4.96
C ASP A 125 12.13 2.79 -6.40
N LEU A 126 11.07 2.05 -6.75
CA LEU A 126 10.43 2.18 -8.05
C LEU A 126 9.90 3.57 -8.28
N LEU A 127 9.06 4.08 -7.39
CA LEU A 127 8.48 5.42 -7.55
C LEU A 127 9.57 6.48 -7.78
N LYS A 128 10.61 6.41 -6.97
CA LYS A 128 11.77 7.28 -7.05
C LYS A 128 12.53 7.17 -8.39
N SER A 129 12.54 5.98 -8.99
CA SER A 129 13.37 5.71 -10.16
C SER A 129 12.63 5.75 -11.51
N LEU A 130 11.30 5.81 -11.49
CA LEU A 130 10.54 5.79 -12.73
C LEU A 130 11.02 6.94 -13.63
N PRO A 131 11.39 6.64 -14.88
CA PRO A 131 11.75 7.66 -15.83
C PRO A 131 10.51 8.42 -16.32
N LEU A 132 10.74 9.52 -17.04
CA LEU A 132 9.67 10.33 -17.58
C LEU A 132 8.59 10.50 -16.51
N PRO A 133 8.96 10.98 -15.32
CA PRO A 133 8.03 10.97 -14.18
C PRO A 133 6.77 11.83 -14.38
N GLU A 134 6.86 12.83 -15.24
CA GLU A 134 5.68 13.64 -15.64
C GLU A 134 4.52 12.78 -16.17
N TYR A 135 4.86 11.67 -16.81
CA TYR A 135 3.90 10.68 -17.30
C TYR A 135 3.79 9.43 -16.42
N CYS A 136 4.94 8.85 -16.03
CA CYS A 136 4.95 7.49 -15.44
C CYS A 136 4.80 7.41 -13.92
N ASN A 137 5.11 8.49 -13.20
CA ASN A 137 4.96 8.54 -11.76
C ASN A 137 3.48 8.89 -11.41
N PRO A 138 2.93 8.32 -10.31
CA PRO A 138 1.55 8.63 -9.92
C PRO A 138 1.27 10.13 -9.75
N GLU A 139 2.26 10.88 -9.31
CA GLU A 139 2.13 12.31 -9.11
C GLU A 139 2.55 13.15 -10.32
N GLY A 140 2.89 12.50 -11.42
CA GLY A 140 3.19 13.20 -12.66
C GLY A 140 1.99 13.97 -13.19
N LYS A 141 2.23 15.16 -13.72
CA LYS A 141 1.16 16.06 -14.12
C LYS A 141 0.34 15.57 -15.31
N PHE A 142 0.94 14.72 -16.14
CA PHE A 142 0.25 14.15 -17.28
C PHE A 142 -0.28 12.75 -17.00
N ASN A 143 -0.11 12.25 -15.80
CA ASN A 143 -0.63 10.93 -15.46
C ASN A 143 -2.02 11.11 -14.88
N LEU A 144 -3.02 10.50 -15.51
CA LEU A 144 -4.39 10.60 -15.03
C LEU A 144 -4.79 9.43 -14.14
N ALA A 145 -3.90 8.42 -14.03
CA ALA A 145 -4.18 7.18 -13.30
C ALA A 145 -4.88 7.42 -11.96
N SER A 146 -4.27 8.24 -11.13
CA SER A 146 -4.78 8.42 -9.77
C SER A 146 -5.90 9.46 -9.68
N HIS A 147 -6.34 9.99 -10.82
CA HIS A 147 -7.36 11.03 -10.85
C HIS A 147 -8.69 10.56 -11.42
N LEU A 148 -8.66 9.56 -12.30
CA LEU A 148 -9.87 9.08 -12.96
C LEU A 148 -10.73 8.25 -12.03
N PRO A 149 -12.06 8.25 -12.28
CA PRO A 149 -12.93 7.27 -11.62
C PRO A 149 -12.47 5.83 -11.89
N GLY A 150 -12.76 4.94 -10.94
CA GLY A 150 -12.22 3.57 -10.97
C GLY A 150 -12.49 2.81 -12.26
N PHE A 151 -13.64 3.09 -12.87
CA PHE A 151 -14.08 2.30 -14.01
C PHE A 151 -13.42 2.67 -15.35
N PHE A 152 -12.61 3.73 -15.37
CA PHE A 152 -11.80 4.03 -16.55
C PHE A 152 -10.56 3.13 -16.68
N VAL A 153 -10.13 2.54 -15.56
CA VAL A 153 -8.81 1.93 -15.45
C VAL A 153 -8.86 0.41 -15.19
N ARG A 154 -7.91 -0.31 -15.80
CA ARG A 154 -7.85 -1.78 -15.83
C ARG A 154 -8.11 -2.49 -14.51
N GLY A 158 -1.57 -1.16 -10.80
CA GLY A 158 -0.46 -1.25 -9.81
C GLY A 158 0.69 -2.06 -10.39
N PRO A 159 1.88 -1.95 -9.79
CA PRO A 159 3.11 -2.54 -10.37
C PRO A 159 3.10 -4.07 -10.37
N ARG A 160 3.76 -4.67 -11.35
CA ARG A 160 3.82 -6.13 -11.50
C ARG A 160 5.25 -6.58 -11.66
N LEU A 161 5.63 -7.64 -10.98
CA LEU A 161 6.96 -8.24 -11.13
C LEU A 161 6.87 -9.48 -11.97
N CYS A 162 7.79 -9.64 -12.93
N CYS A 162 7.80 -9.65 -12.91
CA CYS A 162 7.84 -10.86 -13.74
CA CYS A 162 7.88 -10.85 -13.72
C CYS A 162 9.27 -11.37 -13.86
C CYS A 162 9.29 -11.37 -13.84
N SER A 163 9.44 -12.67 -13.67
CA SER A 163 10.75 -13.31 -13.65
C SER A 163 10.67 -14.53 -14.51
N ALA A 164 11.64 -14.72 -15.38
CA ALA A 164 11.60 -15.91 -16.21
C ALA A 164 12.97 -16.30 -16.65
N TYR A 165 13.15 -17.60 -16.84
CA TYR A 165 14.36 -18.11 -17.43
C TYR A 165 14.52 -17.58 -18.85
N GLY A 166 15.75 -17.65 -19.35
CA GLY A 166 16.01 -17.43 -20.76
C GLY A 166 15.74 -18.68 -21.58
N VAL A 167 15.55 -18.53 -22.89
CA VAL A 167 15.24 -19.62 -23.75
C VAL A 167 16.49 -20.36 -24.26
N VAL A 168 17.68 -19.93 -23.84
CA VAL A 168 18.93 -20.43 -24.43
C VAL A 168 19.25 -21.87 -24.07
N ALA A 169 19.05 -22.24 -22.81
CA ALA A 169 19.29 -23.63 -22.39
C ALA A 169 18.41 -24.63 -23.16
N ALA A 170 17.14 -24.28 -23.37
CA ALA A 170 16.23 -25.11 -24.18
C ALA A 170 16.56 -25.10 -25.66
N LYS A 171 17.39 -24.16 -26.11
CA LYS A 171 17.79 -24.04 -27.51
C LYS A 171 16.59 -23.94 -28.41
N ASP A 172 15.59 -23.17 -27.97
CA ASP A 172 14.33 -23.06 -28.68
C ASP A 172 13.86 -21.60 -28.73
N HIS A 173 14.23 -20.95 -29.82
CA HIS A 173 13.90 -19.56 -30.03
C HIS A 173 12.55 -19.40 -30.72
N ASP A 174 11.75 -20.46 -30.71
CA ASP A 174 10.32 -20.35 -30.95
C ASP A 174 9.52 -20.12 -29.67
N ILE A 175 10.18 -20.13 -28.51
CA ILE A 175 9.52 -19.89 -27.24
C ILE A 175 9.48 -18.39 -26.92
N GLY A 176 8.32 -17.88 -26.56
CA GLY A 176 8.23 -16.55 -25.99
C GLY A 176 8.17 -16.65 -24.48
N THR A 177 8.86 -15.77 -23.78
CA THR A 177 8.68 -15.64 -22.33
C THR A 177 7.49 -14.73 -22.06
N THR A 178 7.20 -13.83 -22.99
CA THR A 178 5.92 -13.14 -23.08
C THR A 178 5.38 -13.29 -24.52
N ASN A 179 4.27 -13.97 -24.69
CA ASN A 179 3.64 -14.13 -25.99
C ASN A 179 3.02 -12.86 -26.50
N LEU A 180 2.85 -12.80 -27.82
CA LEU A 180 2.26 -11.62 -28.43
C LEU A 180 0.88 -11.27 -27.81
N HIS A 181 0.74 -10.05 -27.35
CA HIS A 181 -0.49 -9.62 -26.70
C HIS A 181 -0.58 -8.10 -26.74
N ILE A 182 -1.79 -7.63 -26.57
CA ILE A 182 -2.09 -6.24 -26.57
C ILE A 182 -2.03 -5.76 -25.13
N GLU A 183 -1.44 -4.60 -24.91
CA GLU A 183 -1.48 -4.00 -23.59
C GLU A 183 -2.69 -3.03 -23.49
N VAL A 184 -3.34 -3.04 -22.34
CA VAL A 184 -4.62 -2.38 -22.14
C VAL A 184 -4.46 -0.92 -21.69
N SER A 185 -3.37 -0.65 -20.97
CA SER A 185 -2.99 0.71 -20.60
C SER A 185 -1.58 1.00 -21.10
N ASP A 186 -1.20 2.27 -21.00
CA ASP A 186 0.18 2.69 -21.17
C ASP A 186 1.00 1.98 -20.11
N VAL A 187 2.21 1.57 -20.47
CA VAL A 187 3.00 0.82 -19.52
C VAL A 187 4.49 1.15 -19.65
N VAL A 188 5.23 1.09 -18.54
CA VAL A 188 6.71 1.17 -18.57
C VAL A 188 7.29 -0.12 -17.99
N ASN A 189 8.21 -0.73 -18.71
CA ASN A 189 8.82 -2.01 -18.35
CA ASN A 189 8.83 -2.00 -18.34
C ASN A 189 10.31 -1.80 -18.16
N ILE A 190 10.78 -2.02 -16.92
CA ILE A 190 12.19 -1.86 -16.60
C ILE A 190 12.81 -3.23 -16.30
N LEU A 191 13.89 -3.57 -17.01
CA LEU A 191 14.69 -4.71 -16.74
C LEU A 191 15.63 -4.39 -15.57
N VAL A 192 15.35 -5.00 -14.44
CA VAL A 192 16.03 -4.70 -13.18
C VAL A 192 17.07 -5.73 -12.74
N TYR A 193 17.07 -6.90 -13.36
CA TYR A 193 18.08 -7.92 -13.10
C TYR A 193 18.25 -8.86 -14.28
N VAL A 194 19.50 -9.14 -14.63
CA VAL A 194 19.86 -10.11 -15.64
C VAL A 194 20.74 -11.17 -14.99
N GLY A 195 20.32 -12.43 -15.05
CA GLY A 195 21.03 -13.52 -14.43
C GLY A 195 21.67 -14.38 -15.49
N ILE A 196 22.96 -14.57 -15.39
CA ILE A 196 23.69 -15.42 -16.33
C ILE A 196 23.60 -16.85 -15.84
N ALA A 197 22.96 -17.72 -16.61
CA ALA A 197 22.79 -19.11 -16.18
C ALA A 197 24.01 -19.94 -16.52
N LYS A 198 24.22 -21.00 -15.76
CA LYS A 198 25.44 -21.81 -15.85
C LYS A 198 25.14 -23.30 -15.75
N GLY A 199 25.92 -24.08 -16.49
CA GLY A 199 25.89 -25.53 -16.38
C GLY A 199 25.04 -26.23 -17.40
N ASN A 200 25.10 -27.55 -17.35
CA ASN A 200 24.30 -28.40 -18.19
C ASN A 200 24.57 -28.11 -19.66
N GLY A 201 25.78 -27.64 -19.98
CA GLY A 201 26.14 -27.32 -21.33
C GLY A 201 25.53 -26.05 -21.92
N ILE A 202 24.94 -25.17 -21.10
CA ILE A 202 24.38 -23.95 -21.65
C ILE A 202 25.48 -23.12 -22.32
N LEU A 203 25.09 -22.46 -23.40
CA LEU A 203 25.92 -21.47 -24.07
C LEU A 203 26.35 -20.38 -23.09
N SER A 204 27.61 -19.98 -23.15
CA SER A 204 28.12 -18.97 -22.23
C SER A 204 27.67 -17.58 -22.58
N LYS A 205 27.90 -16.68 -21.65
CA LYS A 205 27.68 -15.25 -21.81
C LYS A 205 28.19 -14.71 -23.16
N ALA A 206 29.37 -15.16 -23.58
CA ALA A 206 29.99 -14.65 -24.80
C ALA A 206 29.25 -15.20 -26.00
N GLY A 207 28.90 -16.48 -25.98
CA GLY A 207 28.10 -17.08 -27.05
C GLY A 207 26.68 -16.53 -27.13
N ILE A 208 26.12 -16.18 -25.99
CA ILE A 208 24.79 -15.58 -25.98
C ILE A 208 24.83 -14.17 -26.61
N LEU A 209 25.89 -13.41 -26.35
CA LEU A 209 26.12 -12.14 -27.04
C LEU A 209 26.17 -12.33 -28.57
N LYS A 210 26.86 -13.38 -29.03
CA LYS A 210 26.89 -13.65 -30.46
C LYS A 210 25.52 -14.00 -31.02
N LYS A 211 24.67 -14.63 -30.21
CA LYS A 211 23.32 -14.95 -30.66
C LYS A 211 22.47 -13.70 -30.78
N PHE A 212 22.60 -12.77 -29.82
CA PHE A 212 22.01 -11.43 -29.96
C PHE A 212 22.49 -10.79 -31.28
N GLU A 213 23.77 -10.95 -31.59
CA GLU A 213 24.34 -10.34 -32.80
C GLU A 213 23.78 -10.93 -34.12
N GLU A 214 23.29 -12.15 -34.07
CA GLU A 214 22.68 -12.75 -35.24
C GLU A 214 21.26 -12.22 -35.53
N GLU A 215 20.71 -11.43 -34.61
CA GLU A 215 19.40 -10.86 -34.84
C GLU A 215 19.51 -9.72 -35.85
N ASP A 216 18.41 -9.44 -36.55
CA ASP A 216 18.33 -8.30 -37.46
C ASP A 216 18.08 -7.02 -36.65
N LEU A 217 19.18 -6.32 -36.38
CA LEU A 217 19.17 -5.17 -35.49
C LEU A 217 19.56 -3.90 -36.22
N ASP A 218 18.97 -2.79 -35.79
CA ASP A 218 19.44 -1.45 -36.10
C ASP A 218 20.90 -1.29 -35.66
N ASP A 219 21.67 -0.52 -36.44
CA ASP A 219 23.09 -0.29 -36.12
C ASP A 219 23.29 0.31 -34.74
N ILE A 220 22.37 1.19 -34.32
CA ILE A 220 22.49 1.81 -33.01
C ILE A 220 22.44 0.74 -31.93
N LEU A 221 21.56 -0.25 -32.13
CA LEU A 221 21.52 -1.38 -31.22
C LEU A 221 22.78 -2.22 -31.23
N ARG A 222 23.35 -2.44 -32.42
CA ARG A 222 24.61 -3.17 -32.51
C ARG A 222 25.73 -2.49 -31.77
N LYS A 223 25.80 -1.17 -31.87
CA LYS A 223 26.82 -0.43 -31.13
C LYS A 223 26.69 -0.69 -29.64
N ARG A 224 25.48 -0.56 -29.09
CA ARG A 224 25.28 -0.84 -27.67
C ARG A 224 25.68 -2.26 -27.32
N LEU A 225 25.31 -3.19 -28.17
CA LEU A 225 25.65 -4.61 -27.99
C LEU A 225 27.16 -4.83 -27.98
N LYS A 226 27.89 -4.00 -28.72
CA LYS A 226 29.34 -4.07 -28.73
C LYS A 226 29.98 -3.32 -27.56
N ASP A 227 29.17 -2.74 -26.68
CA ASP A 227 29.66 -2.02 -25.50
C ASP A 227 29.69 -2.93 -24.27
N SER A 228 30.90 -3.28 -23.83
CA SER A 228 31.09 -4.30 -22.79
C SER A 228 30.54 -3.92 -21.41
N SER A 229 30.15 -2.66 -21.22
CA SER A 229 29.50 -2.24 -19.97
C SER A 229 27.97 -2.41 -20.02
N GLU A 230 27.41 -2.59 -21.21
CA GLU A 230 25.98 -2.89 -21.33
C GLU A 230 25.75 -4.37 -21.11
N ILE A 231 24.63 -4.72 -20.50
CA ILE A 231 24.30 -6.13 -20.31
C ILE A 231 22.96 -6.44 -20.97
N PRO A 232 22.98 -7.13 -22.12
CA PRO A 232 21.73 -7.46 -22.82
C PRO A 232 20.98 -8.61 -22.16
N GLY A 233 19.65 -8.49 -22.13
CA GLY A 233 18.85 -9.45 -21.40
C GLY A 233 17.81 -10.16 -22.23
N ALA A 234 16.98 -9.38 -22.92
CA ALA A 234 15.78 -9.88 -23.58
C ALA A 234 15.57 -9.26 -24.97
N LEU A 235 14.89 -10.01 -25.82
CA LEU A 235 14.58 -9.56 -27.17
C LEU A 235 13.10 -9.22 -27.27
N TRP A 236 12.80 -8.00 -27.68
CA TRP A 236 11.44 -7.54 -27.86
C TRP A 236 11.03 -7.35 -29.31
N HIS A 237 9.80 -7.71 -29.64
CA HIS A 237 9.19 -7.31 -30.88
C HIS A 237 7.94 -6.54 -30.57
N ILE A 238 7.81 -5.39 -31.21
CA ILE A 238 6.75 -4.45 -30.92
C ILE A 238 6.04 -4.12 -32.22
N TYR A 239 4.71 -4.06 -32.14
CA TYR A 239 3.86 -3.78 -33.28
C TYR A 239 2.88 -2.64 -32.95
N ALA A 240 2.55 -1.86 -33.97
CA ALA A 240 1.57 -0.78 -33.85
C ALA A 240 0.20 -1.32 -33.60
N GLY A 241 -0.54 -0.65 -32.72
CA GLY A 241 -1.93 -0.99 -32.48
C GLY A 241 -2.77 -0.96 -33.74
N LYS A 242 -2.43 -0.07 -34.67
CA LYS A 242 -3.17 0.01 -35.92
C LYS A 242 -3.11 -1.29 -36.73
N ASP A 243 -2.04 -2.07 -36.56
CA ASP A 243 -1.87 -3.32 -37.30
C ASP A 243 -2.53 -4.54 -36.67
N VAL A 244 -3.23 -4.37 -35.55
CA VAL A 244 -3.78 -5.51 -34.82
C VAL A 244 -4.70 -6.41 -35.67
N ASP A 245 -5.61 -5.81 -36.45
CA ASP A 245 -6.53 -6.60 -37.28
C ASP A 245 -5.80 -7.41 -38.34
N LYS A 246 -4.77 -6.84 -38.95
CA LYS A 246 -3.94 -7.60 -39.88
C LYS A 246 -3.19 -8.76 -39.23
N ILE A 247 -2.63 -8.53 -38.06
CA ILE A 247 -1.88 -9.56 -37.32
C ILE A 247 -2.82 -10.70 -36.89
N ARG A 248 -4.00 -10.35 -36.40
CA ARG A 248 -5.00 -11.34 -36.05
C ARG A 248 -5.35 -12.24 -37.23
N GLU A 249 -5.56 -11.65 -38.42
CA GLU A 249 -5.86 -12.43 -39.61
C GLU A 249 -4.70 -13.35 -39.94
N PHE A 250 -3.49 -12.79 -39.91
CA PHE A 250 -2.30 -13.54 -40.24
C PHE A 250 -2.18 -14.78 -39.35
N LEU A 251 -2.41 -14.61 -38.06
CA LEU A 251 -2.29 -15.71 -37.11
C LEU A 251 -3.43 -16.72 -37.29
N GLN A 252 -4.62 -16.24 -37.65
CA GLN A 252 -5.74 -17.14 -37.99
C GLN A 252 -5.43 -17.93 -39.24
N LYS A 253 -4.70 -17.35 -40.18
CA LYS A 253 -4.32 -18.05 -41.38
C LYS A 253 -3.28 -19.13 -41.08
N ILE A 254 -2.21 -18.76 -40.38
CA ILE A 254 -1.14 -19.71 -40.03
C ILE A 254 -1.70 -20.86 -39.20
N SER A 255 -2.60 -20.52 -38.29
CA SER A 255 -3.32 -21.49 -37.50
C SER A 255 -4.08 -22.50 -38.42
N LYS A 256 -4.86 -21.99 -39.37
CA LYS A 256 -5.56 -22.86 -40.36
C LYS A 256 -4.61 -23.74 -41.18
N GLU A 257 -3.45 -23.22 -41.55
CA GLU A 257 -2.47 -24.02 -42.29
C GLU A 257 -1.94 -25.20 -41.45
N GLN A 258 -1.90 -25.02 -40.13
CA GLN A 258 -1.31 -26.02 -39.25
C GLN A 258 -2.33 -27.04 -38.70
N GLY A 259 -3.63 -26.76 -38.83
CA GLY A 259 -4.65 -27.57 -38.17
C GLY A 259 -4.58 -27.42 -36.65
N HIS A 266 -12.49 -17.39 -32.69
CA HIS A 266 -11.08 -17.63 -32.31
C HIS A 266 -10.21 -16.38 -32.50
N ASP A 267 -9.76 -15.79 -31.39
CA ASP A 267 -8.95 -14.57 -31.41
C ASP A 267 -7.57 -14.84 -30.81
N PRO A 268 -6.56 -15.13 -31.66
CA PRO A 268 -5.23 -15.52 -31.17
C PRO A 268 -4.49 -14.42 -30.37
N ILE A 269 -4.88 -13.17 -30.55
CA ILE A 269 -4.29 -12.09 -29.81
C ILE A 269 -4.84 -12.04 -28.39
N ARG A 270 -6.15 -12.25 -28.26
CA ARG A 270 -6.80 -12.32 -26.95
C ARG A 270 -6.28 -13.55 -26.20
N ASP A 271 -6.12 -14.67 -26.89
CA ASP A 271 -5.61 -15.91 -26.30
C ASP A 271 -4.16 -15.79 -25.80
N GLN A 272 -3.39 -14.87 -26.37
CA GLN A 272 -2.00 -14.69 -26.03
C GLN A 272 -1.27 -16.01 -26.19
N SER A 273 -1.52 -16.65 -27.32
CA SER A 273 -1.08 -18.00 -27.53
C SER A 273 0.08 -18.10 -28.50
N TRP A 274 0.53 -16.97 -29.06
CA TRP A 274 1.56 -16.99 -30.12
C TRP A 274 2.81 -16.23 -29.75
N TYR A 275 3.94 -16.87 -30.00
CA TYR A 275 5.20 -16.18 -30.15
C TYR A 275 5.51 -16.20 -31.65
N VAL A 276 5.66 -15.02 -32.23
CA VAL A 276 5.86 -14.91 -33.67
C VAL A 276 7.35 -14.99 -33.95
N ASN A 277 7.80 -16.17 -34.35
CA ASN A 277 9.22 -16.42 -34.57
C ASN A 277 9.75 -15.73 -35.84
N LYS A 278 11.03 -15.92 -36.13
CA LYS A 278 11.65 -15.20 -37.23
C LYS A 278 10.93 -15.40 -38.57
N LYS A 279 10.68 -16.66 -38.91
CA LYS A 279 10.04 -16.96 -40.19
C LYS A 279 8.64 -16.34 -40.32
N LEU A 280 7.85 -16.44 -39.25
CA LEU A 280 6.51 -15.86 -39.24
C LEU A 280 6.53 -14.34 -39.33
N ARG A 281 7.45 -13.69 -38.62
CA ARG A 281 7.54 -12.23 -38.72
C ARG A 281 7.83 -11.78 -40.16
N GLN A 282 8.68 -12.54 -40.86
CA GLN A 282 9.02 -12.25 -42.25
C GLN A 282 7.81 -12.42 -43.17
N ARG A 283 7.07 -13.52 -43.00
CA ARG A 283 5.84 -13.74 -43.74
C ARG A 283 4.74 -12.71 -43.44
N LEU A 284 4.66 -12.28 -42.19
CA LEU A 284 3.72 -11.22 -41.80
C LEU A 284 4.00 -9.92 -42.54
N LEU A 285 5.28 -9.61 -42.71
CA LEU A 285 5.69 -8.45 -43.48
C LEU A 285 5.35 -8.61 -44.97
N GLU A 286 5.72 -9.76 -45.55
CA GLU A 286 5.49 -10.02 -46.97
C GLU A 286 4.00 -10.03 -47.32
N GLU A 287 3.22 -10.76 -46.53
CA GLU A 287 1.84 -11.05 -46.89
C GLU A 287 0.86 -9.96 -46.44
N TYR A 288 1.21 -9.19 -45.40
CA TYR A 288 0.33 -8.09 -44.92
C TYR A 288 1.00 -6.71 -44.81
N GLY A 289 2.29 -6.63 -45.12
CA GLY A 289 3.02 -5.37 -45.01
C GLY A 289 3.21 -4.87 -43.58
N VAL A 290 3.02 -5.73 -42.58
CA VAL A 290 3.14 -5.33 -41.17
C VAL A 290 4.60 -5.43 -40.75
N ARG A 291 5.16 -4.30 -40.33
CA ARG A 291 6.54 -4.20 -39.92
C ARG A 291 6.72 -4.44 -38.41
N THR A 292 7.85 -5.02 -38.05
CA THR A 292 8.22 -5.29 -36.65
C THR A 292 9.27 -4.29 -36.18
N CYS A 293 9.08 -3.66 -35.01
CA CYS A 293 10.19 -3.02 -34.29
C CYS A 293 10.92 -4.05 -33.40
N THR A 294 12.24 -4.18 -33.60
CA THR A 294 13.07 -5.09 -32.82
C THR A 294 13.89 -4.29 -31.83
N LEU A 295 13.94 -4.76 -30.61
CA LEU A 295 14.64 -4.09 -29.55
C LEU A 295 15.33 -5.16 -28.73
N ILE A 296 16.57 -4.88 -28.33
CA ILE A 296 17.16 -5.62 -27.24
C ILE A 296 17.04 -4.78 -25.99
N GLN A 297 16.62 -5.39 -24.91
CA GLN A 297 16.46 -4.67 -23.67
C GLN A 297 17.66 -5.00 -22.81
N PHE A 298 18.41 -3.98 -22.41
CA PHE A 298 19.60 -4.13 -21.60
C PHE A 298 19.26 -3.83 -20.18
N LEU A 299 20.04 -4.36 -19.25
CA LEU A 299 19.87 -4.04 -17.84
C LEU A 299 19.73 -2.53 -17.63
N GLY A 300 18.65 -2.14 -16.96
CA GLY A 300 18.35 -0.75 -16.72
C GLY A 300 17.51 -0.04 -17.76
N ASP A 301 17.14 -0.72 -18.84
CA ASP A 301 16.33 -0.09 -19.89
C ASP A 301 14.85 -0.11 -19.49
N ALA A 302 14.22 1.05 -19.58
CA ALA A 302 12.80 1.19 -19.34
C ALA A 302 12.13 1.37 -20.69
N ILE A 303 11.34 0.38 -21.11
CA ILE A 303 10.62 0.44 -22.38
C ILE A 303 9.19 0.94 -22.10
N VAL A 304 8.79 2.02 -22.78
CA VAL A 304 7.53 2.73 -22.53
C VAL A 304 6.63 2.44 -23.73
N LEU A 305 5.49 1.80 -23.47
CA LEU A 305 4.56 1.42 -24.55
C LEU A 305 3.20 2.04 -24.36
N PRO A 306 2.58 2.50 -25.45
CA PRO A 306 1.22 3.04 -25.33
C PRO A 306 0.15 1.96 -25.33
N ALA A 307 -0.98 2.22 -24.69
CA ALA A 307 -2.15 1.35 -24.72
C ALA A 307 -2.49 0.97 -26.17
N GLY A 308 -2.79 -0.30 -26.41
CA GLY A 308 -3.08 -0.77 -27.75
C GLY A 308 -1.87 -1.28 -28.53
N ALA A 309 -0.66 -0.92 -28.12
CA ALA A 309 0.53 -1.49 -28.75
C ALA A 309 0.56 -2.98 -28.44
N LEU A 310 1.09 -3.77 -29.37
CA LEU A 310 1.28 -5.17 -29.16
C LEU A 310 2.77 -5.43 -29.02
N HIS A 311 3.11 -6.41 -28.18
CA HIS A 311 4.49 -6.83 -28.10
C HIS A 311 4.63 -8.25 -27.60
N GLN A 312 5.82 -8.80 -27.85
CA GLN A 312 6.22 -10.07 -27.32
C GLN A 312 7.66 -9.94 -26.81
N VAL A 313 8.04 -10.83 -25.90
CA VAL A 313 9.40 -10.81 -25.32
C VAL A 313 9.98 -12.22 -25.30
N GLN A 314 11.28 -12.31 -25.60
CA GLN A 314 12.05 -13.54 -25.47
C GLN A 314 13.34 -13.29 -24.66
N ASN A 315 13.36 -13.72 -23.40
CA ASN A 315 14.55 -13.63 -22.59
C ASN A 315 15.64 -14.57 -23.15
N PHE A 316 16.87 -14.07 -23.23
CA PHE A 316 18.04 -14.94 -23.59
C PHE A 316 18.70 -15.40 -22.27
N HIS A 317 19.03 -14.44 -21.43
CA HIS A 317 19.43 -14.69 -20.04
C HIS A 317 18.18 -14.71 -19.16
N SER A 318 18.35 -15.08 -17.90
CA SER A 318 17.25 -14.98 -16.94
C SER A 318 17.04 -13.50 -16.61
N CYS A 319 15.78 -13.06 -16.54
CA CYS A 319 15.46 -11.64 -16.39
C CYS A 319 14.38 -11.42 -15.37
N ILE A 320 14.53 -10.34 -14.62
CA ILE A 320 13.49 -9.86 -13.74
C ILE A 320 13.08 -8.50 -14.28
N GLN A 321 11.80 -8.37 -14.60
CA GLN A 321 11.24 -7.13 -15.11
CA GLN A 321 11.22 -7.13 -15.12
C GLN A 321 10.22 -6.57 -14.12
N VAL A 322 10.20 -5.27 -13.98
CA VAL A 322 9.13 -4.61 -13.22
C VAL A 322 8.36 -3.68 -14.16
N THR A 323 7.04 -3.79 -14.12
CA THR A 323 6.17 -3.03 -15.00
C THR A 323 5.24 -2.16 -14.17
N GLU A 324 5.07 -0.91 -14.59
CA GLU A 324 4.16 0.04 -13.96
C GLU A 324 3.19 0.63 -15.01
N ASP A 325 1.91 0.65 -14.65
CA ASP A 325 0.87 1.22 -15.51
C ASP A 325 0.76 2.71 -15.26
N PHE A 326 0.45 3.44 -16.31
CA PHE A 326 0.07 4.85 -16.20
C PHE A 326 -0.99 5.16 -17.23
N VAL A 327 -1.63 6.32 -17.09
CA VAL A 327 -2.68 6.76 -18.00
C VAL A 327 -2.42 8.17 -18.52
N SER A 328 -1.83 8.26 -19.71
CA SER A 328 -1.64 9.54 -20.36
C SER A 328 -2.91 9.95 -21.09
N PRO A 329 -3.13 11.26 -21.26
CA PRO A 329 -4.26 11.77 -22.04
C PRO A 329 -4.25 11.24 -23.48
N GLU A 330 -3.05 11.19 -24.06
CA GLU A 330 -2.84 10.82 -25.43
C GLU A 330 -3.47 9.48 -25.80
N HIS A 331 -3.52 8.53 -24.88
CA HIS A 331 -4.10 7.23 -25.22
C HIS A 331 -5.27 6.80 -24.33
N LEU A 332 -5.88 7.77 -23.66
CA LEU A 332 -6.97 7.46 -22.74
C LEU A 332 -8.13 6.79 -23.46
N VAL A 333 -8.53 7.33 -24.60
CA VAL A 333 -9.70 6.83 -25.33
C VAL A 333 -9.49 5.37 -25.71
N GLU A 334 -8.36 5.12 -26.35
CA GLU A 334 -7.95 3.78 -26.69
C GLU A 334 -7.83 2.90 -25.46
N SER A 335 -7.29 3.43 -24.37
CA SER A 335 -7.16 2.65 -23.15
C SER A 335 -8.51 2.30 -22.53
N PHE A 336 -9.40 3.27 -22.48
CA PHE A 336 -10.71 3.08 -21.89
C PHE A 336 -11.48 2.00 -22.64
N HIS A 337 -11.47 2.09 -23.96
CA HIS A 337 -12.10 1.11 -24.83
C HIS A 337 -11.58 -0.29 -24.56
N LEU A 338 -10.26 -0.45 -24.52
CA LEU A 338 -9.66 -1.75 -24.26
C LEU A 338 -9.94 -2.26 -22.85
N THR A 339 -10.03 -1.36 -21.88
CA THR A 339 -10.35 -1.74 -20.52
C THR A 339 -11.82 -2.17 -20.39
N GLN A 340 -12.72 -1.38 -20.97
CA GLN A 340 -14.14 -1.75 -21.00
C GLN A 340 -14.30 -3.13 -21.65
N GLU A 341 -13.53 -3.38 -22.71
CA GLU A 341 -13.54 -4.67 -23.39
C GLU A 341 -13.08 -5.86 -22.49
N LEU A 342 -12.09 -5.65 -21.62
CA LEU A 342 -11.61 -6.69 -20.70
C LEU A 342 -12.58 -6.94 -19.53
N MET B 1 3.28 32.88 23.37
CA MET B 1 2.03 32.36 22.77
C MET B 1 2.01 30.82 22.83
N ILE B 2 0.82 30.28 22.75
CA ILE B 2 0.63 28.84 22.83
C ILE B 2 0.07 28.44 21.49
N PRO B 3 0.89 27.78 20.65
CA PRO B 3 0.37 27.39 19.33
C PRO B 3 -0.81 26.42 19.39
N HIS B 4 -1.86 26.73 18.64
CA HIS B 4 -3.10 25.97 18.66
C HIS B 4 -4.04 26.34 17.52
N SER B 5 -4.94 25.43 17.16
CA SER B 5 -6.15 25.74 16.40
C SER B 5 -7.33 25.07 17.08
N TRP B 6 -8.53 25.45 16.67
CA TRP B 6 -9.74 24.73 17.03
C TRP B 6 -10.26 23.92 15.84
N ILE B 7 -10.50 22.63 16.04
CA ILE B 7 -10.92 21.72 14.97
C ILE B 7 -12.40 21.37 15.12
N CYS B 8 -13.05 21.11 13.99
CA CYS B 8 -14.45 20.64 13.92
C CYS B 8 -15.46 21.62 14.51
N GLU B 9 -15.86 22.57 13.66
CA GLU B 9 -16.76 23.66 14.04
C GLU B 9 -16.25 24.35 15.28
N LYS B 10 -14.92 24.48 15.34
CA LYS B 10 -14.23 25.15 16.43
C LYS B 10 -14.49 24.55 17.81
N HIS B 11 -14.70 23.23 17.87
CA HIS B 11 -15.05 22.55 19.14
C HIS B 11 -13.91 21.82 19.88
N ILE B 12 -12.88 21.39 19.15
CA ILE B 12 -11.77 20.63 19.75
C ILE B 12 -10.52 21.49 19.73
N LEU B 13 -9.86 21.61 20.88
CA LEU B 13 -8.64 22.39 20.98
C LEU B 13 -7.47 21.52 20.52
N TRP B 14 -6.83 21.93 19.44
CA TRP B 14 -5.61 21.27 19.00
C TRP B 14 -4.43 22.07 19.50
N LEU B 15 -3.67 21.51 20.44
CA LEU B 15 -2.46 22.12 20.96
C LEU B 15 -1.34 21.52 20.14
N LYS B 16 -0.63 22.38 19.42
CA LYS B 16 0.30 21.95 18.37
C LYS B 16 1.70 21.71 18.82
N ASP B 17 2.07 22.17 20.01
CA ASP B 17 3.43 22.00 20.50
C ASP B 17 3.48 21.24 21.83
N TYR B 18 3.93 19.98 21.77
CA TYR B 18 4.07 19.16 22.96
C TYR B 18 5.14 19.67 23.90
N LYS B 19 6.07 20.47 23.41
CA LYS B 19 7.10 21.07 24.29
C LYS B 19 6.70 22.39 24.95
N ASN B 20 5.56 22.97 24.57
CA ASN B 20 5.12 24.21 25.23
C ASN B 20 4.67 23.92 26.67
N SER B 21 5.39 24.48 27.64
N SER B 21 5.39 24.48 27.64
CA SER B 21 5.13 24.27 29.06
CA SER B 21 5.12 24.25 29.06
C SER B 21 3.85 24.94 29.56
C SER B 21 3.82 24.91 29.54
N SER B 22 3.28 25.84 28.74
CA SER B 22 2.06 26.56 29.12
C SER B 22 0.79 26.01 28.47
N ASN B 23 0.88 24.87 27.80
CA ASN B 23 -0.30 24.26 27.19
C ASN B 23 -1.50 24.22 28.11
N TRP B 24 -1.27 23.93 29.39
CA TRP B 24 -2.36 23.81 30.34
C TRP B 24 -3.19 25.08 30.54
N LYS B 25 -2.57 26.24 30.32
CA LYS B 25 -3.25 27.52 30.56
C LYS B 25 -4.35 27.76 29.55
N LEU B 26 -4.09 27.36 28.31
CA LEU B 26 -5.09 27.44 27.26
C LEU B 26 -6.12 26.30 27.46
N PHE B 27 -5.64 25.11 27.78
CA PHE B 27 -6.49 23.95 28.00
C PHE B 27 -7.52 24.17 29.13
N LYS B 28 -7.09 24.76 30.25
CA LYS B 28 -7.99 25.11 31.38
C LYS B 28 -9.27 25.79 30.89
N GLU B 29 -9.14 26.70 29.93
CA GLU B 29 -10.27 27.51 29.47
C GLU B 29 -11.33 26.69 28.74
N CYS B 30 -10.90 25.79 27.86
CA CYS B 30 -11.81 24.96 27.05
C CYS B 30 -12.42 23.79 27.84
N TRP B 31 -11.59 23.19 28.70
CA TRP B 31 -11.95 22.07 29.56
C TRP B 31 -13.12 22.40 30.48
N LYS B 32 -13.14 23.66 30.92
CA LYS B 32 -14.18 24.16 31.82
C LYS B 32 -15.56 23.92 31.18
N GLN B 33 -15.63 23.95 29.85
CA GLN B 33 -16.87 23.73 29.14
C GLN B 33 -16.98 22.33 28.54
N GLY B 34 -16.18 21.39 29.03
CA GLY B 34 -16.28 20.00 28.60
C GLY B 34 -15.85 19.76 27.15
N GLN B 35 -14.96 20.60 26.63
CA GLN B 35 -14.47 20.42 25.27
C GLN B 35 -13.25 19.48 25.22
N PRO B 36 -13.20 18.59 24.22
CA PRO B 36 -12.03 17.75 24.03
C PRO B 36 -10.81 18.56 23.62
N ALA B 37 -9.64 17.93 23.76
CA ALA B 37 -8.41 18.49 23.26
C ALA B 37 -7.53 17.38 22.69
N VAL B 38 -6.65 17.75 21.78
CA VAL B 38 -5.62 16.86 21.32
C VAL B 38 -4.28 17.60 21.33
N VAL B 39 -3.25 16.91 21.80
CA VAL B 39 -1.87 17.39 21.78
C VAL B 39 -1.09 16.44 20.87
N SER B 40 -0.51 16.98 19.81
CA SER B 40 0.24 16.18 18.86
C SER B 40 1.72 16.14 19.23
N GLY B 41 2.45 15.15 18.74
CA GLY B 41 3.90 15.08 18.94
C GLY B 41 4.39 14.32 20.17
N VAL B 42 3.49 13.73 20.95
CA VAL B 42 3.86 13.03 22.19
C VAL B 42 4.80 11.83 21.94
N HIS B 43 4.72 11.25 20.76
CA HIS B 43 5.64 10.18 20.36
C HIS B 43 7.12 10.60 20.24
N LYS B 44 7.38 11.88 20.04
CA LYS B 44 8.74 12.41 20.05
C LYS B 44 9.32 12.52 21.44
N LYS B 45 8.45 12.57 22.43
CA LYS B 45 8.84 12.62 23.82
C LYS B 45 9.09 11.21 24.33
N MET B 46 8.31 10.25 23.84
CA MET B 46 8.41 8.86 24.28
C MET B 46 9.62 8.15 23.67
N ASN B 47 10.01 7.05 24.29
CA ASN B 47 11.01 6.12 23.74
C ASN B 47 10.21 5.20 22.85
N ILE B 48 9.94 5.67 21.65
CA ILE B 48 8.86 5.12 20.85
C ILE B 48 9.13 3.64 20.47
N SER B 49 10.40 3.25 20.39
CA SER B 49 10.79 1.85 20.14
C SER B 49 10.25 0.86 21.21
N LEU B 50 10.13 1.34 22.43
CA LEU B 50 9.53 0.62 23.53
C LEU B 50 8.05 0.26 23.28
N TRP B 51 7.36 1.05 22.45
CA TRP B 51 5.92 0.87 22.20
C TRP B 51 5.60 0.17 20.88
N LYS B 52 6.61 -0.29 20.15
CA LYS B 52 6.37 -1.02 18.91
C LYS B 52 5.70 -2.37 19.17
N ALA B 53 4.88 -2.79 18.22
CA ALA B 53 4.19 -4.08 18.30
C ALA B 53 5.17 -5.23 18.50
N GLU B 54 6.30 -5.20 17.79
CA GLU B 54 7.27 -6.30 17.86
C GLU B 54 7.78 -6.43 19.30
N SER B 55 7.94 -5.31 19.96
CA SER B 55 8.48 -5.25 21.31
C SER B 55 7.44 -5.66 22.33
N ILE B 56 6.22 -5.12 22.19
CA ILE B 56 5.14 -5.43 23.12
C ILE B 56 4.80 -6.91 23.03
N SER B 57 4.70 -7.36 21.79
CA SER B 57 4.44 -8.75 21.47
C SER B 57 5.40 -9.74 22.15
N LEU B 58 6.69 -9.45 22.10
CA LEU B 58 7.71 -10.29 22.73
C LEU B 58 7.62 -10.29 24.26
N ASP B 59 7.48 -9.11 24.83
CA ASP B 59 7.49 -8.97 26.28
C ASP B 59 6.32 -9.69 26.90
N PHE B 60 5.13 -9.40 26.44
CA PHE B 60 3.93 -9.76 27.16
C PHE B 60 3.09 -10.76 26.38
N GLY B 61 3.67 -11.32 25.30
CA GLY B 61 2.95 -12.32 24.50
C GLY B 61 2.72 -13.68 25.14
N ASP B 62 3.28 -13.90 26.33
CA ASP B 62 3.09 -15.15 27.07
C ASP B 62 1.71 -15.21 27.70
N HIS B 63 1.21 -14.06 28.17
CA HIS B 63 -0.05 -14.02 28.90
C HIS B 63 -1.22 -14.34 27.97
N GLN B 64 -2.04 -15.33 28.35
CA GLN B 64 -3.24 -15.65 27.61
C GLN B 64 -4.30 -14.58 27.89
N ALA B 65 -5.13 -14.30 26.90
CA ALA B 65 -6.19 -13.32 27.05
C ALA B 65 -7.21 -13.52 25.97
N ASP B 66 -8.42 -13.02 26.18
CA ASP B 66 -9.46 -13.15 25.19
C ASP B 66 -9.29 -12.07 24.13
N LEU B 67 -9.46 -12.46 22.87
CA LEU B 67 -9.46 -11.54 21.75
C LEU B 67 -10.90 -11.41 21.32
N LEU B 68 -11.32 -10.18 21.04
CA LEU B 68 -12.65 -9.91 20.56
C LEU B 68 -12.69 -9.71 19.06
N ASN B 69 -13.69 -10.27 18.41
CA ASN B 69 -14.05 -9.89 17.05
C ASN B 69 -14.90 -8.63 17.14
N CYS B 70 -14.39 -7.52 16.58
CA CYS B 70 -15.02 -6.21 16.69
C CYS B 70 -16.37 -6.06 15.98
N LYS B 71 -16.59 -6.91 14.97
CA LYS B 71 -17.80 -6.87 14.20
C LYS B 71 -18.98 -7.30 15.09
N ASP B 72 -18.80 -8.38 15.85
CA ASP B 72 -19.90 -8.96 16.63
C ASP B 72 -19.68 -9.13 18.11
N SER B 73 -18.52 -8.66 18.61
CA SER B 73 -18.14 -8.79 20.02
C SER B 73 -18.18 -10.24 20.53
N ILE B 74 -18.06 -11.20 19.63
CA ILE B 74 -17.91 -12.58 20.04
C ILE B 74 -16.42 -12.82 20.28
N ILE B 75 -16.11 -13.47 21.40
CA ILE B 75 -14.73 -13.80 21.73
C ILE B 75 -14.21 -14.82 20.76
N SER B 76 -13.02 -14.53 20.24
CA SER B 76 -12.45 -15.26 19.14
C SER B 76 -11.74 -16.51 19.57
N ASN B 77 -11.56 -17.37 18.59
CA ASN B 77 -10.78 -18.58 18.69
C ASN B 77 -9.28 -18.28 18.79
N ALA B 78 -8.84 -17.14 18.27
CA ALA B 78 -7.42 -16.74 18.31
C ALA B 78 -6.86 -16.60 19.71
N ASN B 79 -5.61 -17.04 19.88
CA ASN B 79 -4.84 -16.69 21.10
C ASN B 79 -4.01 -15.42 20.86
N VAL B 80 -3.35 -14.94 21.90
CA VAL B 80 -2.53 -13.73 21.85
C VAL B 80 -1.38 -13.80 20.83
N LYS B 81 -0.81 -14.98 20.68
CA LYS B 81 0.29 -15.20 19.74
C LYS B 81 -0.22 -15.03 18.30
N GLU B 82 -1.38 -15.59 18.01
CA GLU B 82 -2.01 -15.46 16.70
C GLU B 82 -2.43 -14.04 16.44
N PHE B 83 -2.92 -13.35 17.47
CA PHE B 83 -3.28 -11.95 17.32
C PHE B 83 -2.09 -11.13 16.82
N TRP B 84 -0.95 -11.27 17.49
CA TRP B 84 0.21 -10.47 17.13
C TRP B 84 0.82 -10.86 15.79
N ASP B 85 0.76 -12.15 15.45
CA ASP B 85 1.26 -12.62 14.14
C ASP B 85 0.47 -11.99 13.01
N GLY B 86 -0.80 -11.73 13.28
CA GLY B 86 -1.69 -11.15 12.28
C GLY B 86 -1.76 -9.60 12.29
N PHE B 87 -1.09 -8.97 13.25
CA PHE B 87 -1.23 -7.53 13.46
C PHE B 87 -0.88 -6.74 12.21
N GLU B 88 0.21 -7.15 11.55
CA GLU B 88 0.62 -6.54 10.30
C GLU B 88 0.65 -7.52 9.12
N GLU B 89 0.48 -8.82 9.35
CA GLU B 89 0.44 -9.78 8.25
C GLU B 89 -0.95 -10.33 8.12
N VAL B 90 -1.66 -9.83 7.12
CA VAL B 90 -3.07 -10.11 6.94
C VAL B 90 -3.32 -11.59 6.65
N SER B 91 -2.39 -12.24 5.98
CA SER B 91 -2.55 -13.65 5.64
C SER B 91 -2.51 -14.57 6.86
N LYS B 92 -1.90 -14.12 7.96
CA LYS B 92 -1.83 -14.97 9.15
C LYS B 92 -3.09 -14.82 9.97
N ARG B 93 -4.04 -14.00 9.54
CA ARG B 93 -5.24 -13.71 10.34
C ARG B 93 -6.22 -14.87 10.33
N GLU B 100 -12.57 -13.62 3.64
CA GLU B 100 -12.80 -12.52 4.56
C GLU B 100 -12.04 -12.72 5.89
N THR B 101 -11.11 -11.81 6.24
CA THR B 101 -10.42 -11.88 7.54
C THR B 101 -11.16 -11.01 8.56
N VAL B 102 -10.95 -11.28 9.83
CA VAL B 102 -11.65 -10.57 10.89
C VAL B 102 -10.83 -9.45 11.53
N VAL B 103 -11.54 -8.57 12.22
CA VAL B 103 -10.97 -7.45 12.94
C VAL B 103 -10.92 -7.85 14.43
N LEU B 104 -9.71 -8.08 14.93
CA LEU B 104 -9.48 -8.46 16.31
C LEU B 104 -9.02 -7.29 17.19
N LYS B 105 -9.39 -7.37 18.46
CA LYS B 105 -8.98 -6.40 19.48
C LYS B 105 -8.54 -7.13 20.74
N LEU B 106 -7.44 -6.66 21.30
CA LEU B 106 -6.86 -7.18 22.51
C LEU B 106 -6.98 -6.02 23.49
N LYS B 107 -8.02 -6.08 24.31
CA LYS B 107 -8.47 -4.94 25.08
C LYS B 107 -7.97 -4.98 26.49
N ASP B 108 -7.56 -3.81 27.00
CA ASP B 108 -7.11 -3.61 28.38
C ASP B 108 -6.21 -4.74 28.89
N TRP B 109 -5.24 -5.14 28.07
CA TRP B 109 -4.23 -6.11 28.50
C TRP B 109 -2.87 -5.48 28.17
N PRO B 110 -2.03 -5.24 29.21
CA PRO B 110 -2.41 -5.24 30.63
C PRO B 110 -3.11 -3.94 31.01
N SER B 111 -3.61 -3.86 32.24
CA SER B 111 -4.29 -2.67 32.70
C SER B 111 -4.13 -2.51 34.20
N GLY B 112 -4.27 -1.27 34.67
CA GLY B 112 -4.09 -0.94 36.10
C GLY B 112 -2.73 -1.32 36.71
N GLU B 113 -2.78 -1.96 37.87
CA GLU B 113 -1.58 -2.35 38.59
C GLU B 113 -0.75 -3.33 37.78
N ASP B 114 -1.43 -4.21 37.04
CA ASP B 114 -0.73 -5.14 36.16
C ASP B 114 0.08 -4.41 35.09
N PHE B 115 -0.43 -3.27 34.60
CA PHE B 115 0.30 -2.49 33.61
C PHE B 115 1.55 -1.93 34.26
N LYS B 116 1.37 -1.35 35.44
CA LYS B 116 2.48 -0.74 36.17
C LYS B 116 3.56 -1.73 36.54
N THR B 117 3.16 -2.93 36.95
CA THR B 117 4.11 -3.94 37.42
C THR B 117 4.63 -4.84 36.31
N MET B 118 3.78 -5.20 35.35
CA MET B 118 4.22 -6.10 34.28
C MET B 118 4.96 -5.33 33.20
N MET B 119 4.67 -4.04 33.06
CA MET B 119 5.34 -3.21 32.06
C MET B 119 5.92 -1.94 32.69
N PRO B 120 6.89 -2.11 33.61
CA PRO B 120 7.34 -0.98 34.42
C PRO B 120 8.08 0.11 33.66
N ALA B 121 8.89 -0.26 32.66
CA ALA B 121 9.62 0.74 31.86
C ALA B 121 8.69 1.60 30.97
N ARG B 122 7.62 0.98 30.52
CA ARG B 122 6.62 1.63 29.71
C ARG B 122 5.80 2.55 30.57
N TYR B 123 5.50 2.11 31.78
CA TYR B 123 4.77 2.94 32.72
C TYR B 123 5.57 4.18 33.08
N GLU B 124 6.86 4.00 33.34
CA GLU B 124 7.79 5.11 33.59
C GLU B 124 7.85 6.05 32.37
N ASP B 125 7.95 5.48 31.17
CA ASP B 125 7.99 6.27 29.93
C ASP B 125 6.69 7.06 29.75
N LEU B 126 5.57 6.41 30.08
CA LEU B 126 4.26 7.06 30.04
C LEU B 126 4.23 8.27 30.97
N LEU B 127 4.54 8.09 32.25
CA LEU B 127 4.48 9.19 33.21
C LEU B 127 5.29 10.40 32.72
N LYS B 128 6.49 10.09 32.25
CA LYS B 128 7.41 11.06 31.67
C LYS B 128 6.88 11.78 30.45
N SER B 129 6.06 11.11 29.65
CA SER B 129 5.56 11.66 28.40
C SER B 129 4.13 12.24 28.42
N LEU B 130 3.36 12.01 29.47
CA LEU B 130 1.98 12.50 29.49
C LEU B 130 1.91 14.02 29.26
N PRO B 131 1.10 14.46 28.29
CA PRO B 131 0.96 15.87 28.03
C PRO B 131 0.07 16.52 29.08
N LEU B 132 -0.01 17.84 29.06
CA LEU B 132 -0.83 18.58 30.01
C LEU B 132 -0.65 17.99 31.42
N PRO B 133 0.61 17.87 31.88
CA PRO B 133 0.91 17.12 33.09
C PRO B 133 0.25 17.69 34.35
N GLU B 134 -0.04 18.97 34.35
CA GLU B 134 -0.75 19.62 35.44
C GLU B 134 -2.10 18.94 35.74
N TYR B 135 -2.73 18.39 34.70
CA TYR B 135 -3.96 17.61 34.81
C TYR B 135 -3.75 16.09 34.72
N CYS B 136 -2.94 15.63 33.75
CA CYS B 136 -2.89 14.20 33.39
C CYS B 136 -1.87 13.35 34.14
N ASN B 137 -0.84 13.98 34.69
CA ASN B 137 0.18 13.25 35.46
C ASN B 137 -0.31 13.09 36.91
N PRO B 138 -0.05 11.93 37.55
CA PRO B 138 -0.43 11.75 38.97
C PRO B 138 0.02 12.87 39.92
N GLU B 139 1.17 13.48 39.65
CA GLU B 139 1.67 14.57 40.49
C GLU B 139 1.25 15.97 40.01
N GLY B 140 0.42 16.03 38.97
CA GLY B 140 -0.11 17.29 38.50
C GLY B 140 -0.96 17.95 39.55
N LYS B 141 -0.81 19.26 39.66
CA LYS B 141 -1.49 20.01 40.72
C LYS B 141 -3.02 20.04 40.61
N PHE B 142 -3.56 19.84 39.40
CA PHE B 142 -5.01 19.79 39.19
C PHE B 142 -5.55 18.38 39.09
N ASN B 143 -4.70 17.39 39.28
CA ASN B 143 -5.15 16.01 39.26
C ASN B 143 -5.48 15.59 40.69
N LEU B 144 -6.72 15.17 40.92
CA LEU B 144 -7.15 14.72 42.24
C LEU B 144 -7.05 13.21 42.41
N ALA B 145 -6.77 12.49 41.33
CA ALA B 145 -6.76 11.02 41.32
C ALA B 145 -6.07 10.41 42.54
N SER B 146 -4.84 10.83 42.81
CA SER B 146 -4.06 10.22 43.87
C SER B 146 -4.31 10.85 45.25
N HIS B 147 -5.30 11.73 45.35
CA HIS B 147 -5.62 12.41 46.60
C HIS B 147 -6.97 12.02 47.18
N LEU B 148 -7.90 11.61 46.33
CA LEU B 148 -9.26 11.29 46.76
C LEU B 148 -9.30 9.94 47.46
N PRO B 149 -10.22 9.79 48.42
CA PRO B 149 -10.54 8.45 48.92
C PRO B 149 -10.88 7.46 47.80
N GLY B 150 -10.60 6.19 48.02
CA GLY B 150 -10.71 5.17 46.97
C GLY B 150 -12.07 5.12 46.29
N PHE B 151 -13.12 5.41 47.04
CA PHE B 151 -14.48 5.20 46.53
C PHE B 151 -14.99 6.31 45.60
N PHE B 152 -14.22 7.38 45.42
CA PHE B 152 -14.55 8.38 44.40
C PHE B 152 -14.23 7.91 42.97
N VAL B 153 -13.31 6.96 42.85
CA VAL B 153 -12.80 6.50 41.54
C VAL B 153 -13.38 5.12 41.18
N GLY B 158 -5.91 3.53 36.76
CA GLY B 158 -4.63 3.08 36.23
C GLY B 158 -4.62 2.92 34.72
N PRO B 159 -3.42 2.95 34.10
CA PRO B 159 -3.28 2.90 32.62
C PRO B 159 -3.75 1.60 31.94
N ARG B 160 -4.29 1.71 30.72
CA ARG B 160 -4.83 0.57 29.96
C ARG B 160 -4.23 0.54 28.57
N LEU B 161 -3.81 -0.62 28.12
CA LEU B 161 -3.31 -0.79 26.77
C LEU B 161 -4.39 -1.43 25.89
N CYS B 162 -4.59 -0.89 24.68
CA CYS B 162 -5.52 -1.49 23.72
CA CYS B 162 -5.53 -1.47 23.71
C CYS B 162 -4.90 -1.57 22.34
N SER B 163 -5.03 -2.73 21.72
CA SER B 163 -4.43 -3.02 20.44
C SER B 163 -5.51 -3.62 19.57
N ALA B 164 -5.60 -3.18 18.32
CA ALA B 164 -6.57 -3.77 17.44
C ALA B 164 -6.14 -3.64 16.01
N TYR B 165 -6.54 -4.61 15.19
CA TYR B 165 -6.41 -4.49 13.76
C TYR B 165 -7.21 -3.32 13.23
N GLY B 166 -6.85 -2.87 12.03
CA GLY B 166 -7.66 -1.91 11.31
C GLY B 166 -8.79 -2.61 10.56
N VAL B 167 -9.82 -1.85 10.17
CA VAL B 167 -10.95 -2.42 9.48
C VAL B 167 -10.77 -2.53 7.97
N VAL B 168 -9.61 -2.13 7.43
CA VAL B 168 -9.45 -2.01 5.96
C VAL B 168 -9.40 -3.35 5.23
N ALA B 169 -8.70 -4.34 5.76
CA ALA B 169 -8.67 -5.68 5.17
C ALA B 169 -10.07 -6.30 5.06
N ALA B 170 -10.90 -6.15 6.08
CA ALA B 170 -12.29 -6.64 6.05
C ALA B 170 -13.17 -5.81 5.12
N LYS B 171 -12.71 -4.64 4.69
CA LYS B 171 -13.47 -3.76 3.83
C LYS B 171 -14.86 -3.48 4.42
N ASP B 172 -14.91 -3.27 5.73
CA ASP B 172 -16.19 -3.07 6.41
C ASP B 172 -16.08 -1.90 7.40
N HIS B 173 -16.45 -0.72 6.92
CA HIS B 173 -16.40 0.49 7.71
C HIS B 173 -17.69 0.70 8.51
N ASP B 174 -18.49 -0.35 8.66
CA ASP B 174 -19.51 -0.39 9.69
C ASP B 174 -18.97 -0.98 11.00
N ILE B 175 -17.73 -1.45 11.00
CA ILE B 175 -17.12 -2.04 12.19
C ILE B 175 -16.46 -0.95 13.04
N GLY B 176 -16.76 -0.93 14.34
CA GLY B 176 -16.03 -0.09 15.28
C GLY B 176 -14.98 -0.94 15.97
N THR B 177 -13.77 -0.42 16.14
CA THR B 177 -12.77 -1.06 17.00
C THR B 177 -13.04 -0.66 18.45
N THR B 178 -13.67 0.50 18.63
CA THR B 178 -14.28 0.87 19.90
C THR B 178 -15.70 1.39 19.61
N ASN B 179 -16.70 0.69 20.12
CA ASN B 179 -18.09 1.08 19.91
C ASN B 179 -18.44 2.27 20.74
N LEU B 180 -19.50 2.95 20.32
CA LEU B 180 -19.98 4.13 21.02
C LEU B 180 -20.23 3.82 22.50
N HIS B 181 -19.61 4.58 23.38
CA HIS B 181 -19.74 4.38 24.81
C HIS B 181 -19.37 5.66 25.56
N ILE B 182 -19.85 5.73 26.79
CA ILE B 182 -19.61 6.86 27.65
C ILE B 182 -18.38 6.56 28.49
N GLU B 183 -17.50 7.54 28.63
CA GLU B 183 -16.33 7.36 29.52
C GLU B 183 -16.67 7.89 30.93
N VAL B 184 -16.20 7.17 31.93
CA VAL B 184 -16.60 7.37 33.31
C VAL B 184 -15.72 8.39 34.05
N SER B 185 -14.44 8.47 33.66
CA SER B 185 -13.54 9.50 34.16
C SER B 185 -12.97 10.29 33.00
N ASP B 186 -12.31 11.40 33.33
CA ASP B 186 -11.51 12.11 32.39
C ASP B 186 -10.44 11.14 31.89
N VAL B 187 -10.11 11.21 30.62
CA VAL B 187 -9.14 10.27 30.08
C VAL B 187 -8.25 10.89 29.02
N VAL B 188 -6.99 10.43 28.92
CA VAL B 188 -6.12 10.82 27.82
C VAL B 188 -5.72 9.54 27.08
N ASN B 189 -5.89 9.58 25.76
CA ASN B 189 -5.63 8.44 24.89
CA ASN B 189 -5.61 8.45 24.89
C ASN B 189 -4.52 8.82 23.90
N ILE B 190 -3.39 8.10 23.98
CA ILE B 190 -2.26 8.35 23.12
C ILE B 190 -2.05 7.18 22.15
N LEU B 191 -2.03 7.49 20.86
CA LEU B 191 -1.72 6.51 19.86
C LEU B 191 -0.21 6.39 19.83
N VAL B 192 0.27 5.24 20.27
CA VAL B 192 1.73 4.98 20.41
C VAL B 192 2.34 4.11 19.34
N TYR B 193 1.52 3.44 18.54
CA TYR B 193 2.03 2.63 17.43
C TYR B 193 0.98 2.48 16.36
N VAL B 194 1.41 2.67 15.11
CA VAL B 194 0.58 2.43 13.96
C VAL B 194 1.28 1.36 13.15
N GLY B 195 0.60 0.25 12.90
CA GLY B 195 1.16 -0.86 12.13
C GLY B 195 0.54 -0.90 10.76
N ILE B 196 1.36 -0.81 9.72
CA ILE B 196 0.87 -0.89 8.35
C ILE B 196 0.76 -2.35 7.99
N ALA B 197 -0.44 -2.81 7.71
CA ALA B 197 -0.62 -4.21 7.40
C ALA B 197 -0.32 -4.49 5.93
N LYS B 198 0.04 -5.74 5.64
CA LYS B 198 0.52 -6.14 4.32
C LYS B 198 -0.02 -7.50 3.91
N GLY B 199 -0.27 -7.64 2.62
CA GLY B 199 -0.65 -8.90 2.04
C GLY B 199 -2.13 -9.17 1.91
N ASN B 200 -2.41 -10.33 1.31
CA ASN B 200 -3.76 -10.81 1.17
C ASN B 200 -4.62 -9.82 0.42
N GLY B 201 -4.00 -9.04 -0.46
CA GLY B 201 -4.74 -8.03 -1.20
C GLY B 201 -5.19 -6.79 -0.43
N ILE B 202 -4.67 -6.54 0.76
CA ILE B 202 -5.06 -5.32 1.49
C ILE B 202 -4.64 -4.07 0.72
N LEU B 203 -5.47 -3.05 0.81
CA LEU B 203 -5.16 -1.74 0.30
C LEU B 203 -3.86 -1.24 0.93
N SER B 204 -3.00 -0.63 0.13
CA SER B 204 -1.72 -0.12 0.65
C SER B 204 -1.90 1.17 1.44
N LYS B 205 -0.82 1.53 2.11
CA LYS B 205 -0.69 2.79 2.80
C LYS B 205 -1.22 3.99 2.01
N ALA B 206 -0.94 4.04 0.70
CA ALA B 206 -1.34 5.20 -0.11
C ALA B 206 -2.82 5.21 -0.35
N GLY B 207 -3.38 4.04 -0.62
CA GLY B 207 -4.83 3.91 -0.74
C GLY B 207 -5.58 4.15 0.57
N ILE B 208 -4.98 3.78 1.68
CA ILE B 208 -5.61 4.00 2.96
C ILE B 208 -5.65 5.49 3.28
N LEU B 209 -4.60 6.23 2.90
CA LEU B 209 -4.60 7.69 2.98
C LEU B 209 -5.75 8.29 2.18
N LYS B 210 -6.00 7.77 0.98
CA LYS B 210 -7.13 8.26 0.17
C LYS B 210 -8.47 7.97 0.83
N LYS B 211 -8.56 6.88 1.58
CA LYS B 211 -9.79 6.55 2.29
C LYS B 211 -10.02 7.52 3.47
N PHE B 212 -8.96 7.88 4.19
CA PHE B 212 -9.03 8.94 5.19
C PHE B 212 -9.51 10.24 4.51
N GLU B 213 -9.00 10.51 3.32
CA GLU B 213 -9.36 11.74 2.61
C GLU B 213 -10.83 11.77 2.18
N GLU B 214 -11.46 10.61 2.07
CA GLU B 214 -12.89 10.56 1.73
C GLU B 214 -13.79 10.91 2.91
N GLU B 215 -13.22 11.04 4.09
CA GLU B 215 -14.02 11.37 5.25
C GLU B 215 -14.36 12.86 5.23
N ASP B 216 -15.46 13.21 5.89
CA ASP B 216 -15.87 14.60 6.06
C ASP B 216 -15.04 15.22 7.17
N LEU B 217 -13.98 15.91 6.79
CA LEU B 217 -12.97 16.42 7.70
C LEU B 217 -12.90 17.93 7.65
N ASP B 218 -12.60 18.52 8.80
CA ASP B 218 -12.16 19.91 8.92
C ASP B 218 -10.90 20.13 8.06
N ASP B 219 -10.77 21.32 7.47
CA ASP B 219 -9.62 21.64 6.61
C ASP B 219 -8.29 21.49 7.34
N ILE B 220 -8.29 21.83 8.63
CA ILE B 220 -7.07 21.71 9.43
C ILE B 220 -6.63 20.24 9.45
N LEU B 221 -7.60 19.33 9.57
CA LEU B 221 -7.30 17.92 9.54
C LEU B 221 -6.77 17.45 8.18
N ARG B 222 -7.34 17.98 7.10
CA ARG B 222 -6.85 17.67 5.76
C ARG B 222 -5.42 18.10 5.56
N LYS B 223 -5.07 19.28 6.06
CA LYS B 223 -3.68 19.74 5.96
C LYS B 223 -2.73 18.75 6.62
N ARG B 224 -3.03 18.32 7.85
CA ARG B 224 -2.21 17.33 8.52
C ARG B 224 -2.11 16.03 7.74
N LEU B 225 -3.25 15.61 7.21
CA LEU B 225 -3.32 14.40 6.38
C LEU B 225 -2.45 14.52 5.12
N LYS B 226 -2.30 15.73 4.61
CA LYS B 226 -1.45 15.97 3.46
C LYS B 226 0.03 16.14 3.83
N ASP B 227 0.37 16.03 5.12
CA ASP B 227 1.75 16.10 5.60
C ASP B 227 2.36 14.72 5.70
N SER B 228 3.31 14.42 4.83
CA SER B 228 3.87 13.07 4.71
C SER B 228 4.67 12.59 5.93
N SER B 229 4.99 13.48 6.86
CA SER B 229 5.63 13.08 8.11
C SER B 229 4.61 12.66 9.20
N GLU B 230 3.33 13.00 9.01
CA GLU B 230 2.28 12.56 9.92
C GLU B 230 1.81 11.16 9.51
N ILE B 231 1.46 10.36 10.49
CA ILE B 231 1.01 9.00 10.18
C ILE B 231 -0.39 8.82 10.79
N PRO B 232 -1.43 8.83 9.95
CA PRO B 232 -2.78 8.66 10.44
C PRO B 232 -3.08 7.20 10.81
N GLY B 233 -3.80 7.02 11.91
CA GLY B 233 -4.07 5.70 12.42
C GLY B 233 -5.52 5.31 12.52
N ALA B 234 -6.31 6.14 13.21
CA ALA B 234 -7.67 5.81 13.60
C ALA B 234 -8.63 6.97 13.39
N LEU B 235 -9.90 6.63 13.18
CA LEU B 235 -10.94 7.63 12.99
C LEU B 235 -11.83 7.68 14.23
N TRP B 236 -11.95 8.86 14.82
CA TRP B 236 -12.76 9.05 16.02
C TRP B 236 -14.02 9.83 15.73
N HIS B 237 -15.11 9.47 16.39
CA HIS B 237 -16.28 10.32 16.50
C HIS B 237 -16.58 10.57 17.96
N ILE B 238 -16.79 11.84 18.29
CA ILE B 238 -16.94 12.27 19.67
C ILE B 238 -18.24 13.06 19.77
N TYR B 239 -18.97 12.80 20.86
CA TYR B 239 -20.26 13.44 21.14
C TYR B 239 -20.29 14.03 22.55
N ALA B 240 -21.01 15.14 22.69
CA ALA B 240 -21.18 15.80 23.99
C ALA B 240 -21.99 14.93 24.93
N GLY B 241 -21.58 14.90 26.19
CA GLY B 241 -22.33 14.24 27.24
C GLY B 241 -23.75 14.74 27.34
N LYS B 242 -23.97 16.02 27.03
CA LYS B 242 -25.32 16.59 27.04
C LYS B 242 -26.27 15.90 26.07
N ASP B 243 -25.74 15.38 24.95
CA ASP B 243 -26.57 14.75 23.92
C ASP B 243 -26.84 13.25 24.15
N VAL B 244 -26.37 12.70 25.27
CA VAL B 244 -26.51 11.27 25.53
C VAL B 244 -27.97 10.77 25.43
N ASP B 245 -28.92 11.49 26.02
CA ASP B 245 -30.32 11.06 26.02
C ASP B 245 -30.92 11.06 24.61
N LYS B 246 -30.59 12.04 23.80
CA LYS B 246 -31.03 12.06 22.40
C LYS B 246 -30.44 10.90 21.60
N ILE B 247 -29.15 10.62 21.82
CA ILE B 247 -28.45 9.52 21.11
C ILE B 247 -29.02 8.17 21.51
N ARG B 248 -29.25 7.97 22.80
CA ARG B 248 -29.90 6.75 23.28
C ARG B 248 -31.27 6.52 22.59
N GLU B 249 -32.10 7.57 22.52
CA GLU B 249 -33.41 7.45 21.87
C GLU B 249 -33.25 7.10 20.40
N PHE B 250 -32.33 7.79 19.72
CA PHE B 250 -32.06 7.52 18.30
C PHE B 250 -31.70 6.07 18.07
N LEU B 251 -30.83 5.53 18.91
CA LEU B 251 -30.38 4.15 18.75
C LEU B 251 -31.50 3.16 19.11
N GLN B 252 -32.34 3.51 20.07
CA GLN B 252 -33.53 2.69 20.39
C GLN B 252 -34.53 2.69 19.24
N LYS B 253 -34.62 3.80 18.51
CA LYS B 253 -35.46 3.88 17.34
C LYS B 253 -34.92 3.02 16.20
N ILE B 254 -33.66 3.20 15.86
CA ILE B 254 -33.01 2.43 14.77
C ILE B 254 -33.09 0.93 15.08
N SER B 255 -32.87 0.59 16.34
CA SER B 255 -32.98 -0.78 16.81
C SER B 255 -34.41 -1.33 16.54
N LYS B 256 -35.44 -0.58 16.91
CA LYS B 256 -36.84 -0.96 16.64
C LYS B 256 -37.13 -1.12 15.15
N GLU B 257 -36.55 -0.27 14.31
CA GLU B 257 -36.73 -0.40 12.87
C GLU B 257 -36.13 -1.71 12.33
N GLN B 258 -35.09 -2.21 12.99
CA GLN B 258 -34.36 -3.37 12.51
C GLN B 258 -34.85 -4.71 13.09
N GLY B 259 -35.64 -4.67 14.16
CA GLY B 259 -36.01 -5.90 14.87
C GLY B 259 -34.84 -6.63 15.50
N HIS B 266 -33.76 -1.51 27.83
CA HIS B 266 -32.70 -1.64 26.83
C HIS B 266 -31.94 -0.32 26.65
N ASP B 267 -30.68 -0.29 27.08
CA ASP B 267 -29.84 0.90 26.98
C ASP B 267 -28.64 0.64 26.06
N PRO B 268 -28.73 1.03 24.77
CA PRO B 268 -27.66 0.74 23.79
C PRO B 268 -26.31 1.41 24.07
N ILE B 269 -26.31 2.47 24.87
CA ILE B 269 -25.08 3.13 25.23
C ILE B 269 -24.36 2.36 26.32
N ARG B 270 -25.12 1.86 27.29
CA ARG B 270 -24.56 1.01 28.34
C ARG B 270 -24.06 -0.30 27.72
N ASP B 271 -24.82 -0.86 26.78
CA ASP B 271 -24.44 -2.10 26.11
C ASP B 271 -23.15 -1.97 25.28
N GLN B 272 -22.83 -0.76 24.85
CA GLN B 272 -21.67 -0.51 24.01
C GLN B 272 -21.73 -1.40 22.78
N SER B 273 -22.90 -1.42 22.18
CA SER B 273 -23.20 -2.36 21.12
C SER B 273 -23.26 -1.71 19.76
N TRP B 274 -23.09 -0.39 19.66
CA TRP B 274 -23.24 0.31 18.38
C TRP B 274 -21.97 0.97 17.92
N TYR B 275 -21.65 0.76 16.64
CA TYR B 275 -20.81 1.69 15.90
C TYR B 275 -21.73 2.50 15.00
N VAL B 276 -21.73 3.82 15.16
CA VAL B 276 -22.65 4.66 14.39
C VAL B 276 -21.97 5.02 13.08
N ASN B 277 -22.35 4.32 12.01
CA ASN B 277 -21.71 4.48 10.71
C ASN B 277 -22.12 5.79 10.05
N LYS B 278 -21.59 6.04 8.85
CA LYS B 278 -21.82 7.33 8.19
C LYS B 278 -23.30 7.68 8.04
N LYS B 279 -24.10 6.74 7.54
CA LYS B 279 -25.51 6.99 7.29
C LYS B 279 -26.29 7.28 8.57
N LEU B 280 -26.02 6.52 9.62
CA LEU B 280 -26.65 6.77 10.92
C LEU B 280 -26.26 8.10 11.54
N ARG B 281 -24.98 8.48 11.43
CA ARG B 281 -24.56 9.78 11.99
C ARG B 281 -25.32 10.92 11.31
N GLN B 282 -25.55 10.78 10.01
CA GLN B 282 -26.28 11.78 9.23
C GLN B 282 -27.76 11.87 9.67
N ARG B 283 -28.40 10.71 9.83
CA ARG B 283 -29.77 10.66 10.33
C ARG B 283 -29.89 11.18 11.77
N LEU B 284 -28.90 10.89 12.61
CA LEU B 284 -28.87 11.42 13.98
C LEU B 284 -28.88 12.94 13.98
N LEU B 285 -28.14 13.53 13.05
CA LEU B 285 -28.08 14.99 12.91
C LEU B 285 -29.42 15.55 12.43
N GLU B 286 -29.97 14.94 11.36
CA GLU B 286 -31.25 15.37 10.78
C GLU B 286 -32.42 15.24 11.76
N GLU B 287 -32.52 14.09 12.41
CA GLU B 287 -33.70 13.76 13.20
C GLU B 287 -33.64 14.27 14.65
N TYR B 288 -32.43 14.47 15.19
CA TYR B 288 -32.28 14.99 16.58
C TYR B 288 -31.38 16.22 16.72
N GLY B 289 -30.80 16.70 15.61
CA GLY B 289 -29.89 17.85 15.67
C GLY B 289 -28.58 17.60 16.40
N VAL B 290 -28.22 16.32 16.63
CA VAL B 290 -27.01 15.98 17.37
C VAL B 290 -25.82 15.96 16.40
N ARG B 291 -24.83 16.79 16.68
CA ARG B 291 -23.66 16.95 15.83
C ARG B 291 -22.52 16.03 16.30
N THR B 292 -21.74 15.57 15.34
CA THR B 292 -20.57 14.71 15.57
C THR B 292 -19.28 15.51 15.41
N CYS B 293 -18.35 15.42 16.38
CA CYS B 293 -16.95 15.82 16.12
C CYS B 293 -16.16 14.66 15.49
N THR B 294 -15.54 14.92 14.34
CA THR B 294 -14.72 13.93 13.66
C THR B 294 -13.26 14.27 13.83
N LEU B 295 -12.45 13.25 14.13
CA LEU B 295 -11.04 13.44 14.37
C LEU B 295 -10.31 12.28 13.73
N ILE B 296 -9.17 12.58 13.11
CA ILE B 296 -8.23 11.52 12.78
C ILE B 296 -7.13 11.58 13.81
N GLN B 297 -6.81 10.43 14.39
CA GLN B 297 -5.78 10.38 15.39
C GLN B 297 -4.53 9.91 14.67
N PHE B 298 -3.49 10.73 14.70
CA PHE B 298 -2.19 10.40 14.10
C PHE B 298 -1.27 9.85 15.16
N LEU B 299 -0.26 9.08 14.75
CA LEU B 299 0.77 8.63 15.66
C LEU B 299 1.30 9.77 16.52
N GLY B 300 1.28 9.54 17.83
CA GLY B 300 1.70 10.52 18.80
C GLY B 300 0.62 11.46 19.31
N ASP B 301 -0.59 11.37 18.78
CA ASP B 301 -1.66 12.28 19.22
C ASP B 301 -2.25 11.76 20.52
N ALA B 302 -2.35 12.66 21.49
CA ALA B 302 -3.01 12.40 22.76
C ALA B 302 -4.36 13.10 22.72
N ILE B 303 -5.45 12.33 22.71
CA ILE B 303 -6.80 12.85 22.74
C ILE B 303 -7.31 12.85 24.19
N VAL B 304 -7.74 14.02 24.66
CA VAL B 304 -8.09 14.24 26.06
C VAL B 304 -9.62 14.43 26.11
N LEU B 305 -10.31 13.54 26.82
CA LEU B 305 -11.76 13.57 26.91
C LEU B 305 -12.26 13.71 28.34
N PRO B 306 -13.31 14.51 28.55
CA PRO B 306 -13.86 14.66 29.88
C PRO B 306 -14.86 13.56 30.22
N ALA B 307 -14.98 13.24 31.51
CA ALA B 307 -15.95 12.28 32.01
C ALA B 307 -17.34 12.60 31.45
N GLY B 308 -18.08 11.59 30.98
CA GLY B 308 -19.39 11.80 30.37
C GLY B 308 -19.40 12.00 28.87
N ALA B 309 -18.27 12.36 28.27
CA ALA B 309 -18.21 12.46 26.82
C ALA B 309 -18.43 11.06 26.25
N LEU B 310 -19.01 10.99 25.06
CA LEU B 310 -19.17 9.73 24.35
C LEU B 310 -18.26 9.72 23.14
N HIS B 311 -17.74 8.55 22.81
CA HIS B 311 -16.96 8.43 21.61
C HIS B 311 -16.92 7.00 21.09
N GLN B 312 -16.54 6.91 19.82
CA GLN B 312 -16.28 5.65 19.16
C GLN B 312 -14.99 5.81 18.36
N VAL B 313 -14.36 4.68 18.04
CA VAL B 313 -13.11 4.65 17.25
C VAL B 313 -13.20 3.59 16.17
N GLN B 314 -12.65 3.90 14.99
CA GLN B 314 -12.44 2.95 13.93
C GLN B 314 -10.99 3.00 13.42
N ASN B 315 -10.17 2.03 13.80
CA ASN B 315 -8.81 1.92 13.27
C ASN B 315 -8.82 1.62 11.77
N PHE B 316 -7.98 2.30 11.00
CA PHE B 316 -7.79 1.99 9.57
C PHE B 316 -6.58 1.09 9.46
N HIS B 317 -5.46 1.55 10.01
CA HIS B 317 -4.29 0.71 10.20
C HIS B 317 -4.40 0.00 11.55
N SER B 318 -3.48 -0.91 11.85
CA SER B 318 -3.41 -1.50 13.19
C SER B 318 -2.88 -0.45 14.17
N CYS B 319 -3.48 -0.35 15.34
CA CYS B 319 -3.11 0.68 16.30
C CYS B 319 -2.92 0.12 17.69
N ILE B 320 -1.92 0.66 18.39
CA ILE B 320 -1.74 0.43 19.83
C ILE B 320 -2.00 1.77 20.51
N GLN B 321 -2.97 1.78 21.43
CA GLN B 321 -3.33 2.98 22.18
CA GLN B 321 -3.39 2.94 22.20
C GLN B 321 -3.05 2.74 23.67
N VAL B 322 -2.54 3.77 24.33
CA VAL B 322 -2.42 3.74 25.77
C VAL B 322 -3.30 4.86 26.35
N THR B 323 -4.10 4.48 27.33
CA THR B 323 -5.07 5.37 27.93
C THR B 323 -4.75 5.51 29.43
N GLU B 324 -4.79 6.74 29.94
CA GLU B 324 -4.56 7.06 31.34
C GLU B 324 -5.73 7.88 31.88
N ASP B 325 -6.22 7.48 33.05
CA ASP B 325 -7.31 8.18 33.72
C ASP B 325 -6.73 9.28 34.58
N PHE B 326 -7.47 10.36 34.70
CA PHE B 326 -7.16 11.39 35.67
C PHE B 326 -8.47 11.96 36.20
N VAL B 327 -8.37 12.75 37.26
CA VAL B 327 -9.53 13.35 37.88
C VAL B 327 -9.32 14.84 38.07
N SER B 328 -9.84 15.64 37.14
CA SER B 328 -9.84 17.08 37.30
C SER B 328 -11.01 17.53 38.17
N PRO B 329 -10.86 18.68 38.85
CA PRO B 329 -11.94 19.26 39.64
C PRO B 329 -13.17 19.57 38.80
N GLU B 330 -12.93 20.07 37.59
CA GLU B 330 -13.95 20.46 36.63
C GLU B 330 -15.00 19.37 36.41
N HIS B 331 -14.61 18.10 36.37
CA HIS B 331 -15.58 17.05 36.06
C HIS B 331 -15.71 15.99 37.16
N LEU B 332 -15.28 16.33 38.38
CA LEU B 332 -15.33 15.40 39.50
C LEU B 332 -16.76 14.94 39.82
N VAL B 333 -17.70 15.88 39.88
CA VAL B 333 -19.09 15.58 40.23
C VAL B 333 -19.69 14.60 39.22
N GLU B 334 -19.57 14.97 37.95
CA GLU B 334 -20.02 14.13 36.85
C GLU B 334 -19.32 12.78 36.90
N SER B 335 -18.04 12.79 37.20
CA SER B 335 -17.27 11.55 37.23
C SER B 335 -17.70 10.65 38.39
N PHE B 336 -17.87 11.25 39.56
CA PHE B 336 -18.25 10.50 40.74
C PHE B 336 -19.62 9.83 40.52
N HIS B 337 -20.56 10.60 40.00
CA HIS B 337 -21.89 10.10 39.64
C HIS B 337 -21.81 8.89 38.69
N LEU B 338 -21.06 9.02 37.60
CA LEU B 338 -20.93 7.93 36.64
C LEU B 338 -20.20 6.74 37.22
N THR B 339 -19.24 6.96 38.12
CA THR B 339 -18.55 5.82 38.75
C THR B 339 -19.47 5.11 39.75
N GLN B 340 -20.17 5.88 40.60
CA GLN B 340 -21.16 5.30 41.52
C GLN B 340 -22.19 4.48 40.73
N GLU B 341 -22.60 4.99 39.56
CA GLU B 341 -23.54 4.28 38.67
C GLU B 341 -22.98 2.94 38.14
N LEU B 342 -21.68 2.87 37.84
CA LEU B 342 -21.05 1.60 37.36
C LEU B 342 -20.86 0.57 38.49
#